data_1D2F
#
_entry.id   1D2F
#
_cell.length_a   57.510
_cell.length_b   107.190
_cell.length_c   256.400
_cell.angle_alpha   90.00
_cell.angle_beta   90.00
_cell.angle_gamma   90.00
#
_symmetry.space_group_name_H-M   'C 2 2 21'
#
loop_
_entity.id
_entity.type
_entity.pdbx_description
1 polymer 'MALY PROTEIN'
2 non-polymer "PYRIDOXAL-5'-PHOSPHATE"
3 water water
#
_entity_poly.entity_id   1
_entity_poly.type   'polypeptide(L)'
_entity_poly.pdbx_seq_one_letter_code
;MFDFSKVVDRHGTWCTQWDYVADRFGTADLLPFTISDMDFATAPCIIEALNQRLMHGVFGYSRWKNDEFLAAIAHWFSTQ
HYTAIDSQTVVYGPSVIYMVSELIRQWSETGEGVVIHTPAYDAFYKAIEGNQRTVMPVALEKQADGWFCDMGKLEAVLAK
PECKIMLLCSPQNPTGKVWTCDELEIMADLCERHGVRVISDEIHMDMVWGEQPHIPWSNVARGDWALLTSGSKSFNIPAL
TGAYGIIENSSSRDAYLSALKGRDGLSSPSVLALTAHIAAYQQGAPWLDALRIYLKDNLTYIADKMNAAFPELNWQIPQS
TYLAWLDLRPLNIDDNALQKALIEQEKVAIMPGYTYGEEGRGFVRLNAGCPRSKLEKGVAGLINAIRAVR
;
_entity_poly.pdbx_strand_id   A,B
#
loop_
_chem_comp.id
_chem_comp.type
_chem_comp.name
_chem_comp.formula
PLP non-polymer PYRIDOXAL-5'-PHOSPHATE 'C8 H10 N O6 P'
#
# COMPACT_ATOMS: atom_id res chain seq x y z
N LEU A 30 -27.38 13.49 -10.23
CA LEU A 30 -27.30 12.48 -11.32
C LEU A 30 -27.18 11.06 -10.79
N LEU A 31 -27.88 10.13 -11.42
CA LEU A 31 -27.81 8.74 -11.01
C LEU A 31 -26.60 8.20 -11.75
N PRO A 32 -25.56 7.76 -11.00
CA PRO A 32 -24.31 7.22 -11.56
C PRO A 32 -24.18 5.72 -11.84
N PHE A 33 -23.60 5.40 -12.99
CA PHE A 33 -23.36 4.03 -13.43
C PHE A 33 -21.96 4.04 -14.04
N THR A 34 -21.12 4.93 -13.51
CA THR A 34 -19.78 5.10 -14.04
C THR A 34 -18.54 4.49 -13.40
N ILE A 35 -18.63 3.86 -12.23
CA ILE A 35 -17.39 3.31 -11.68
C ILE A 35 -17.27 1.82 -11.43
N SER A 36 -16.03 1.37 -11.60
CA SER A 36 -15.58 0.00 -11.45
C SER A 36 -16.14 -0.88 -10.33
N ASP A 37 -16.56 -0.31 -9.21
CA ASP A 37 -17.05 -1.14 -8.12
C ASP A 37 -18.56 -1.33 -8.12
N MET A 38 -19.07 -2.06 -7.12
CA MET A 38 -20.51 -2.32 -7.02
C MET A 38 -21.17 -1.49 -5.92
N ASP A 39 -22.49 -1.52 -5.83
CA ASP A 39 -23.22 -0.78 -4.82
C ASP A 39 -23.66 -1.70 -3.69
N PHE A 40 -23.22 -2.95 -3.71
CA PHE A 40 -23.63 -3.89 -2.68
C PHE A 40 -22.71 -3.96 -1.48
N ALA A 41 -23.26 -4.42 -0.36
CA ALA A 41 -22.49 -4.59 0.86
C ALA A 41 -21.84 -5.95 0.69
N THR A 42 -20.63 -6.12 1.20
CA THR A 42 -19.94 -7.39 1.06
C THR A 42 -20.68 -8.51 1.77
N ALA A 43 -20.15 -9.72 1.63
CA ALA A 43 -20.70 -10.90 2.25
C ALA A 43 -20.66 -10.75 3.76
N PRO A 44 -21.73 -11.18 4.45
CA PRO A 44 -21.79 -11.10 5.91
C PRO A 44 -20.73 -11.93 6.64
N CYS A 45 -20.27 -13.00 6.02
CA CYS A 45 -19.25 -13.83 6.64
C CYS A 45 -17.93 -13.06 6.71
N ILE A 46 -17.75 -12.14 5.75
CA ILE A 46 -16.55 -11.32 5.71
C ILE A 46 -16.65 -10.29 6.83
N ILE A 47 -17.81 -9.67 6.94
CA ILE A 47 -18.04 -8.66 7.98
C ILE A 47 -17.84 -9.27 9.35
N GLU A 48 -18.50 -10.40 9.59
CA GLU A 48 -18.39 -11.08 10.87
C GLU A 48 -16.94 -11.43 11.20
N ALA A 49 -16.15 -11.78 10.18
CA ALA A 49 -14.75 -12.12 10.39
C ALA A 49 -13.92 -10.86 10.70
N LEU A 50 -14.27 -9.74 10.07
CA LEU A 50 -13.56 -8.50 10.32
C LEU A 50 -13.88 -8.00 11.71
N ASN A 51 -15.15 -8.12 12.11
CA ASN A 51 -15.57 -7.68 13.43
C ASN A 51 -14.83 -8.47 14.51
N GLN A 52 -14.66 -9.75 14.28
CA GLN A 52 -13.99 -10.61 15.24
C GLN A 52 -12.52 -10.23 15.38
N ARG A 53 -11.86 -10.00 14.25
CA ARG A 53 -10.46 -9.62 14.25
C ARG A 53 -10.34 -8.25 14.90
N LEU A 54 -11.42 -7.48 14.76
CA LEU A 54 -11.48 -6.14 15.31
C LEU A 54 -11.47 -6.18 16.84
N MET A 55 -12.29 -7.04 17.42
CA MET A 55 -12.37 -7.15 18.86
C MET A 55 -11.08 -7.64 19.54
N HIS A 56 -10.12 -8.08 18.74
CA HIS A 56 -8.86 -8.51 19.35
C HIS A 56 -8.07 -7.27 19.79
N GLY A 57 -8.45 -6.11 19.24
CA GLY A 57 -7.81 -4.84 19.60
C GLY A 57 -6.39 -4.50 19.19
N VAL A 58 -5.49 -5.49 19.15
CA VAL A 58 -4.12 -5.23 18.79
C VAL A 58 -3.93 -5.17 17.27
N PHE A 59 -3.19 -4.17 16.80
CA PHE A 59 -2.97 -4.00 15.36
C PHE A 59 -1.50 -3.83 15.02
N GLY A 60 -0.65 -4.61 15.67
CA GLY A 60 0.77 -4.54 15.41
C GLY A 60 1.13 -5.16 14.07
N TYR A 61 2.41 -5.17 13.75
CA TYR A 61 2.88 -5.74 12.49
C TYR A 61 2.48 -7.21 12.29
N SER A 62 1.98 -7.52 11.10
CA SER A 62 1.58 -8.88 10.75
C SER A 62 2.26 -9.31 9.47
N ARG A 63 2.44 -10.61 9.31
CA ARG A 63 3.08 -11.18 8.12
C ARG A 63 2.01 -11.66 7.14
N TRP A 64 2.28 -11.50 5.84
CA TRP A 64 1.32 -11.96 4.83
C TRP A 64 1.60 -13.42 4.52
N LYS A 65 2.81 -13.88 4.82
CA LYS A 65 3.19 -15.29 4.60
C LYS A 65 2.45 -16.11 5.65
N ASN A 66 1.15 -15.85 5.75
CA ASN A 66 0.27 -16.50 6.69
C ASN A 66 -0.29 -17.76 6.01
N ASP A 67 -0.17 -18.90 6.67
CA ASP A 67 -0.67 -20.16 6.13
C ASP A 67 -2.15 -20.17 5.76
N GLU A 68 -3.00 -19.66 6.64
CA GLU A 68 -4.43 -19.61 6.36
C GLU A 68 -4.69 -18.86 5.06
N PHE A 69 -4.06 -17.70 4.92
CA PHE A 69 -4.23 -16.87 3.73
C PHE A 69 -3.85 -17.70 2.50
N LEU A 70 -2.64 -18.26 2.50
CA LEU A 70 -2.17 -19.07 1.38
C LEU A 70 -3.08 -20.28 1.18
N ALA A 71 -3.49 -20.92 2.27
CA ALA A 71 -4.36 -22.09 2.18
C ALA A 71 -5.70 -21.69 1.59
N ALA A 72 -6.18 -20.51 1.97
CA ALA A 72 -7.46 -20.05 1.44
C ALA A 72 -7.38 -19.86 -0.07
N ILE A 73 -6.27 -19.29 -0.54
CA ILE A 73 -6.07 -19.06 -1.97
C ILE A 73 -6.01 -20.37 -2.72
N ALA A 74 -5.21 -21.31 -2.24
CA ALA A 74 -5.09 -22.61 -2.89
C ALA A 74 -6.48 -23.24 -2.96
N HIS A 75 -7.21 -23.17 -1.84
CA HIS A 75 -8.54 -23.73 -1.76
C HIS A 75 -9.48 -23.10 -2.78
N TRP A 76 -9.38 -21.79 -2.93
CA TRP A 76 -10.25 -21.08 -3.85
C TRP A 76 -9.98 -21.48 -5.30
N PHE A 77 -8.71 -21.54 -5.67
CA PHE A 77 -8.38 -21.92 -7.04
C PHE A 77 -8.79 -23.36 -7.37
N SER A 78 -8.61 -24.28 -6.43
CA SER A 78 -8.95 -25.67 -6.67
C SER A 78 -10.45 -25.90 -6.83
N THR A 79 -11.24 -25.31 -5.93
CA THR A 79 -12.69 -25.48 -5.93
C THR A 79 -13.52 -24.49 -6.75
N GLN A 80 -12.89 -23.52 -7.40
CA GLN A 80 -13.65 -22.56 -8.20
C GLN A 80 -13.12 -22.39 -9.61
N HIS A 81 -11.86 -22.75 -9.83
CA HIS A 81 -11.26 -22.62 -11.16
C HIS A 81 -10.59 -23.90 -11.61
N TYR A 82 -10.83 -24.95 -10.84
CA TYR A 82 -10.29 -26.27 -11.16
C TYR A 82 -8.82 -26.15 -11.54
N THR A 83 -8.07 -25.41 -10.74
CA THR A 83 -6.65 -25.22 -11.02
C THR A 83 -5.80 -25.42 -9.78
N ALA A 84 -4.74 -26.22 -9.94
CA ALA A 84 -3.84 -26.50 -8.82
C ALA A 84 -2.66 -25.55 -8.86
N ILE A 85 -2.40 -24.89 -7.73
CA ILE A 85 -1.28 -23.94 -7.64
C ILE A 85 -0.37 -24.28 -6.46
N ASP A 86 0.87 -23.82 -6.56
CA ASP A 86 1.83 -24.05 -5.49
C ASP A 86 1.81 -22.83 -4.56
N SER A 87 1.43 -23.05 -3.30
CA SER A 87 1.36 -21.97 -2.33
C SER A 87 2.68 -21.23 -2.16
N GLN A 88 3.79 -21.89 -2.46
CA GLN A 88 5.11 -21.29 -2.33
C GLN A 88 5.41 -20.21 -3.35
N THR A 89 4.70 -20.22 -4.46
CA THR A 89 4.90 -19.23 -5.50
C THR A 89 4.03 -17.98 -5.34
N VAL A 90 3.13 -18.00 -4.37
CA VAL A 90 2.24 -16.85 -4.15
C VAL A 90 2.91 -15.70 -3.41
N VAL A 91 2.55 -14.48 -3.78
CA VAL A 91 3.09 -13.28 -3.16
C VAL A 91 1.96 -12.27 -2.91
N TYR A 92 2.22 -11.30 -2.05
CA TYR A 92 1.25 -10.27 -1.70
C TYR A 92 1.59 -8.97 -2.40
N GLY A 93 0.59 -8.11 -2.61
CA GLY A 93 0.82 -6.83 -3.24
C GLY A 93 -0.20 -5.85 -2.71
N PRO A 94 0.09 -4.54 -2.69
CA PRO A 94 -0.84 -3.51 -2.18
C PRO A 94 -2.07 -3.41 -3.08
N SER A 95 -1.83 -3.59 -4.38
CA SER A 95 -2.88 -3.54 -5.37
C SER A 95 -2.40 -4.30 -6.61
N VAL A 96 -3.32 -4.64 -7.50
CA VAL A 96 -2.93 -5.36 -8.71
C VAL A 96 -2.05 -4.50 -9.59
N ILE A 97 -2.45 -3.25 -9.81
CA ILE A 97 -1.69 -2.36 -10.66
C ILE A 97 -0.27 -2.13 -10.16
N TYR A 98 -0.07 -2.13 -8.84
CA TYR A 98 1.26 -1.95 -8.30
C TYR A 98 2.13 -3.10 -8.75
N MET A 99 1.54 -4.30 -8.75
CA MET A 99 2.26 -5.49 -9.16
C MET A 99 2.55 -5.48 -10.64
N VAL A 100 1.62 -4.97 -11.44
CA VAL A 100 1.83 -4.89 -12.88
C VAL A 100 2.98 -3.92 -13.14
N SER A 101 2.93 -2.79 -12.43
CA SER A 101 3.93 -1.75 -12.56
C SER A 101 5.34 -2.24 -12.25
N GLU A 102 5.51 -2.91 -11.11
CA GLU A 102 6.80 -3.42 -10.72
C GLU A 102 7.35 -4.45 -11.70
N LEU A 103 6.53 -5.43 -12.08
CA LEU A 103 6.97 -6.45 -13.02
C LEU A 103 7.41 -5.79 -14.31
N ILE A 104 6.71 -4.73 -14.73
CA ILE A 104 7.09 -4.03 -15.95
C ILE A 104 8.47 -3.43 -15.78
N ARG A 105 8.73 -2.85 -14.61
CA ARG A 105 10.04 -2.27 -14.37
C ARG A 105 11.06 -3.39 -14.33
N GLN A 106 10.61 -4.56 -13.95
CA GLN A 106 11.50 -5.71 -13.82
C GLN A 106 11.78 -6.48 -15.10
N TRP A 107 10.76 -6.64 -15.93
CA TRP A 107 10.93 -7.40 -17.16
C TRP A 107 11.16 -6.59 -18.43
N SER A 108 11.55 -5.33 -18.29
CA SER A 108 11.79 -4.52 -19.49
C SER A 108 12.67 -3.31 -19.20
N GLU A 109 13.14 -2.67 -20.25
CA GLU A 109 13.96 -1.48 -20.12
C GLU A 109 13.13 -0.28 -20.50
N THR A 110 13.51 0.86 -19.96
CA THR A 110 12.81 2.09 -20.27
C THR A 110 12.72 2.17 -21.79
N GLY A 111 11.57 2.55 -22.31
CA GLY A 111 11.42 2.66 -23.75
C GLY A 111 10.88 1.44 -24.49
N GLU A 112 11.04 0.25 -23.92
CA GLU A 112 10.56 -0.95 -24.60
C GLU A 112 9.04 -1.06 -24.54
N GLY A 113 8.49 -2.01 -25.31
CA GLY A 113 7.04 -2.14 -25.39
C GLY A 113 6.28 -3.20 -24.60
N VAL A 114 5.05 -2.85 -24.25
CA VAL A 114 4.15 -3.74 -23.52
C VAL A 114 2.89 -3.88 -24.35
N VAL A 115 2.52 -5.12 -24.67
CA VAL A 115 1.34 -5.36 -25.49
C VAL A 115 0.10 -5.51 -24.65
N ILE A 116 -0.99 -4.92 -25.14
CA ILE A 116 -2.29 -5.00 -24.47
C ILE A 116 -3.37 -4.99 -25.55
N HIS A 117 -4.46 -5.72 -25.29
CA HIS A 117 -5.57 -5.74 -26.24
C HIS A 117 -6.46 -4.55 -25.92
N THR A 118 -6.90 -3.83 -26.96
CA THR A 118 -7.77 -2.68 -26.76
C THR A 118 -9.14 -2.94 -27.33
N PRO A 119 -10.18 -2.28 -26.79
CA PRO A 119 -10.16 -1.30 -25.70
C PRO A 119 -9.62 -1.91 -24.40
N ALA A 120 -8.84 -1.13 -23.67
CA ALA A 120 -8.24 -1.61 -22.44
C ALA A 120 -8.61 -0.80 -21.21
N TYR A 121 -8.42 -1.41 -20.05
CA TYR A 121 -8.68 -0.78 -18.77
C TYR A 121 -7.72 0.41 -18.67
N ASP A 122 -8.28 1.60 -18.47
CA ASP A 122 -7.51 2.83 -18.37
C ASP A 122 -6.17 2.78 -17.63
N ALA A 123 -6.16 2.16 -16.45
CA ALA A 123 -4.96 2.08 -15.64
C ALA A 123 -3.76 1.45 -16.33
N PHE A 124 -3.99 0.59 -17.32
CA PHE A 124 -2.87 -0.04 -18.04
C PHE A 124 -2.00 0.99 -18.74
N TYR A 125 -2.63 2.02 -19.32
CA TYR A 125 -1.86 3.05 -20.01
C TYR A 125 -0.99 3.80 -19.01
N LYS A 126 -1.62 4.17 -17.90
CA LYS A 126 -0.96 4.88 -16.81
C LYS A 126 0.26 4.11 -16.34
N ALA A 127 0.04 2.85 -16.03
CA ALA A 127 1.10 1.99 -15.55
C ALA A 127 2.23 1.85 -16.54
N ILE A 128 1.89 1.68 -17.82
CA ILE A 128 2.91 1.52 -18.85
C ILE A 128 3.67 2.81 -19.14
N GLU A 129 2.94 3.86 -19.47
CA GLU A 129 3.61 5.10 -19.79
C GLU A 129 4.19 5.80 -18.55
N GLY A 130 3.62 5.52 -17.39
CA GLY A 130 4.15 6.13 -16.18
C GLY A 130 5.56 5.63 -15.94
N ASN A 131 5.84 4.43 -16.44
CA ASN A 131 7.16 3.85 -16.28
C ASN A 131 7.99 4.14 -17.53
N GLN A 132 7.57 5.14 -18.30
CA GLN A 132 8.28 5.52 -19.52
C GLN A 132 8.49 4.31 -20.42
N ARG A 133 7.49 3.45 -20.49
CA ARG A 133 7.55 2.29 -21.34
C ARG A 133 6.53 2.53 -22.46
N THR A 134 6.66 1.83 -23.58
CA THR A 134 5.75 2.04 -24.69
C THR A 134 4.63 1.02 -24.81
N VAL A 135 3.41 1.51 -24.93
CA VAL A 135 2.26 0.63 -25.06
C VAL A 135 2.03 0.27 -26.53
N MET A 136 1.97 -1.05 -26.81
CA MET A 136 1.76 -1.57 -28.14
C MET A 136 0.38 -2.25 -28.17
N PRO A 137 -0.63 -1.57 -28.72
CA PRO A 137 -2.00 -2.09 -28.80
C PRO A 137 -2.37 -3.02 -29.94
N VAL A 138 -3.18 -4.02 -29.62
CA VAL A 138 -3.70 -4.98 -30.57
C VAL A 138 -5.20 -4.89 -30.34
N ALA A 139 -5.90 -4.21 -31.24
CA ALA A 139 -7.35 -4.05 -31.11
C ALA A 139 -8.10 -5.37 -31.24
N LEU A 140 -9.13 -5.54 -30.41
CA LEU A 140 -9.96 -6.75 -30.45
C LEU A 140 -11.02 -6.48 -31.50
N GLU A 141 -11.54 -7.56 -32.08
CA GLU A 141 -12.55 -7.44 -33.12
C GLU A 141 -13.89 -8.03 -32.73
N LYS A 142 -14.94 -7.23 -32.90
CA LYS A 142 -16.29 -7.69 -32.59
C LYS A 142 -16.94 -8.21 -33.85
N GLN A 143 -17.44 -9.44 -33.79
CA GLN A 143 -18.07 -10.03 -34.95
C GLN A 143 -19.23 -10.94 -34.54
N ALA A 144 -19.70 -11.74 -35.49
CA ALA A 144 -20.78 -12.72 -35.30
C ALA A 144 -21.22 -12.83 -33.85
N ASP A 145 -20.57 -13.69 -33.09
CA ASP A 145 -21.05 -13.70 -31.73
C ASP A 145 -20.16 -12.81 -30.79
N GLY A 146 -18.98 -13.18 -30.33
CA GLY A 146 -18.27 -12.28 -29.41
C GLY A 146 -17.08 -11.54 -30.02
N TRP A 147 -16.06 -11.34 -29.19
CA TRP A 147 -14.85 -10.64 -29.59
C TRP A 147 -13.74 -11.65 -29.86
N PHE A 148 -12.84 -11.28 -30.75
CA PHE A 148 -11.73 -12.17 -31.07
C PHE A 148 -10.46 -11.38 -31.31
N CYS A 149 -9.34 -12.05 -31.11
CA CYS A 149 -8.04 -11.44 -31.32
C CYS A 149 -7.44 -12.11 -32.55
N ASP A 150 -7.08 -11.30 -33.54
CA ASP A 150 -6.47 -11.83 -34.74
C ASP A 150 -5.04 -12.22 -34.35
N MET A 151 -4.76 -13.51 -34.30
CA MET A 151 -3.44 -13.99 -33.89
C MET A 151 -2.27 -13.63 -34.80
N GLY A 152 -2.54 -13.37 -36.08
CA GLY A 152 -1.47 -12.99 -36.98
C GLY A 152 -1.05 -11.57 -36.65
N LYS A 153 -2.05 -10.74 -36.34
CA LYS A 153 -1.83 -9.35 -35.99
C LYS A 153 -1.02 -9.29 -34.69
N LEU A 154 -1.46 -10.05 -33.69
CA LEU A 154 -0.78 -10.09 -32.40
C LEU A 154 0.69 -10.50 -32.56
N GLU A 155 0.92 -11.53 -33.36
CA GLU A 155 2.28 -12.00 -33.59
C GLU A 155 3.10 -10.94 -34.32
N ALA A 156 2.47 -10.23 -35.24
CA ALA A 156 3.18 -9.19 -35.98
C ALA A 156 3.79 -8.22 -34.97
N VAL A 157 3.03 -7.95 -33.91
CA VAL A 157 3.48 -7.03 -32.85
C VAL A 157 4.46 -7.68 -31.89
N LEU A 158 4.22 -8.94 -31.53
CA LEU A 158 5.11 -9.65 -30.61
C LEU A 158 6.48 -9.94 -31.19
N ALA A 159 6.56 -10.06 -32.52
CA ALA A 159 7.83 -10.34 -33.19
C ALA A 159 8.76 -9.14 -33.15
N LYS A 160 8.20 -7.98 -32.80
CA LYS A 160 8.99 -6.75 -32.71
C LYS A 160 10.10 -6.97 -31.69
N PRO A 161 11.32 -6.53 -32.01
CA PRO A 161 12.45 -6.71 -31.09
C PRO A 161 12.18 -6.00 -29.75
N GLU A 162 11.61 -4.80 -29.84
CA GLU A 162 11.34 -3.99 -28.66
C GLU A 162 10.13 -4.41 -27.83
N CYS A 163 9.38 -5.41 -28.27
CA CYS A 163 8.24 -5.87 -27.50
C CYS A 163 8.75 -6.87 -26.48
N LYS A 164 8.62 -6.55 -25.20
CA LYS A 164 9.13 -7.43 -24.16
C LYS A 164 8.09 -8.09 -23.26
N ILE A 165 6.92 -7.47 -23.14
CA ILE A 165 5.88 -8.00 -22.24
C ILE A 165 4.49 -7.96 -22.86
N MET A 166 3.65 -8.89 -22.45
CA MET A 166 2.26 -8.87 -22.88
C MET A 166 1.40 -8.82 -21.62
N LEU A 167 0.68 -7.71 -21.45
CA LEU A 167 -0.22 -7.52 -20.30
C LEU A 167 -1.58 -8.08 -20.72
N LEU A 168 -1.91 -9.26 -20.22
CA LEU A 168 -3.15 -9.91 -20.59
C LEU A 168 -4.26 -9.75 -19.57
N CYS A 169 -5.37 -9.13 -19.98
CA CYS A 169 -6.51 -8.96 -19.10
C CYS A 169 -7.42 -10.15 -19.37
N SER A 170 -7.49 -11.08 -18.42
CA SER A 170 -8.27 -12.30 -18.56
C SER A 170 -9.07 -12.67 -17.31
N PRO A 171 -10.41 -12.54 -17.34
CA PRO A 171 -11.28 -12.07 -18.41
C PRO A 171 -10.91 -10.66 -18.83
N GLN A 172 -11.29 -10.30 -20.06
CA GLN A 172 -10.98 -9.00 -20.61
C GLN A 172 -12.00 -7.95 -20.23
N ASN A 173 -11.53 -6.79 -19.81
CA ASN A 173 -12.36 -5.67 -19.42
C ASN A 173 -12.07 -4.58 -20.45
N PRO A 174 -13.13 -3.95 -21.02
CA PRO A 174 -14.58 -4.11 -20.82
C PRO A 174 -15.38 -5.08 -21.69
N THR A 175 -14.77 -5.75 -22.66
CA THR A 175 -15.53 -6.65 -23.54
C THR A 175 -16.12 -7.88 -22.85
N GLY A 176 -15.56 -8.27 -21.72
CA GLY A 176 -16.08 -9.43 -21.02
C GLY A 176 -15.63 -10.74 -21.63
N LYS A 177 -14.78 -10.65 -22.63
CA LYS A 177 -14.30 -11.87 -23.29
C LYS A 177 -13.63 -12.81 -22.31
N VAL A 178 -13.97 -14.09 -22.40
CA VAL A 178 -13.35 -15.12 -21.59
C VAL A 178 -12.59 -15.94 -22.61
N TRP A 179 -11.26 -15.85 -22.58
CA TRP A 179 -10.42 -16.56 -23.54
C TRP A 179 -10.61 -18.07 -23.49
N THR A 180 -10.52 -18.74 -24.63
CA THR A 180 -10.70 -20.19 -24.70
C THR A 180 -9.39 -20.93 -24.48
N CYS A 181 -9.47 -22.17 -23.98
CA CYS A 181 -8.27 -22.95 -23.74
C CYS A 181 -7.43 -23.08 -25.01
N ASP A 182 -8.00 -22.63 -26.12
CA ASP A 182 -7.31 -22.66 -27.40
C ASP A 182 -6.46 -21.41 -27.54
N GLU A 183 -7.10 -20.27 -27.34
CA GLU A 183 -6.42 -18.98 -27.46
C GLU A 183 -5.28 -18.83 -26.44
N LEU A 184 -5.42 -19.48 -25.30
CA LEU A 184 -4.38 -19.39 -24.26
C LEU A 184 -3.19 -20.27 -24.62
N GLU A 185 -3.39 -21.15 -25.60
CA GLU A 185 -2.35 -22.05 -26.08
C GLU A 185 -1.54 -21.35 -27.16
N ILE A 186 -2.26 -20.72 -28.08
CA ILE A 186 -1.65 -20.00 -29.18
C ILE A 186 -0.83 -18.83 -28.66
N MET A 187 -1.42 -18.00 -27.81
CA MET A 187 -0.72 -16.84 -27.25
C MET A 187 0.46 -17.25 -26.39
N ALA A 188 0.26 -18.24 -25.54
CA ALA A 188 1.35 -18.72 -24.68
C ALA A 188 2.50 -19.16 -25.57
N ASP A 189 2.14 -19.71 -26.72
CA ASP A 189 3.10 -20.23 -27.67
C ASP A 189 3.82 -19.10 -28.41
N LEU A 190 3.05 -18.14 -28.92
CA LEU A 190 3.64 -17.02 -29.64
C LEU A 190 4.59 -16.23 -28.74
N CYS A 191 4.22 -16.06 -27.47
CA CYS A 191 5.05 -15.31 -26.53
C CYS A 191 6.35 -16.01 -26.19
N GLU A 192 6.30 -17.31 -25.99
CA GLU A 192 7.52 -18.05 -25.68
C GLU A 192 8.46 -17.96 -26.87
N ARG A 193 7.89 -18.15 -28.05
CA ARG A 193 8.64 -18.12 -29.29
C ARG A 193 9.40 -16.83 -29.50
N HIS A 194 8.76 -15.70 -29.22
CA HIS A 194 9.40 -14.41 -29.42
C HIS A 194 9.98 -13.75 -28.17
N GLY A 195 10.23 -14.53 -27.13
CA GLY A 195 10.78 -13.98 -25.92
C GLY A 195 9.97 -12.80 -25.39
N VAL A 196 8.73 -13.08 -25.01
CA VAL A 196 7.85 -12.05 -24.47
C VAL A 196 7.24 -12.61 -23.19
N ARG A 197 7.45 -11.89 -22.08
CA ARG A 197 6.91 -12.33 -20.80
C ARG A 197 5.45 -11.92 -20.64
N VAL A 198 4.68 -12.77 -19.97
CA VAL A 198 3.27 -12.52 -19.77
C VAL A 198 2.85 -12.21 -18.34
N ILE A 199 2.03 -11.16 -18.22
CA ILE A 199 1.47 -10.73 -16.97
C ILE A 199 -0.03 -10.90 -17.19
N SER A 200 -0.66 -11.79 -16.42
CA SER A 200 -2.09 -12.02 -16.57
C SER A 200 -2.90 -11.40 -15.43
N ASP A 201 -3.68 -10.38 -15.76
CA ASP A 201 -4.52 -9.70 -14.79
C ASP A 201 -5.85 -10.44 -14.81
N GLU A 202 -6.10 -11.27 -13.80
CA GLU A 202 -7.31 -12.04 -13.76
C GLU A 202 -8.26 -11.66 -12.62
N ILE A 203 -8.30 -10.38 -12.29
CA ILE A 203 -9.16 -9.90 -11.22
C ILE A 203 -10.67 -10.11 -11.46
N HIS A 204 -11.06 -10.44 -12.67
CA HIS A 204 -12.48 -10.68 -12.94
C HIS A 204 -12.79 -12.16 -13.05
N MET A 205 -11.80 -12.98 -12.75
CA MET A 205 -11.95 -14.43 -12.82
C MET A 205 -13.23 -15.04 -12.24
N ASP A 206 -13.77 -14.48 -11.17
CA ASP A 206 -14.95 -15.07 -10.54
C ASP A 206 -16.31 -14.72 -11.17
N MET A 207 -16.35 -13.69 -12.01
CA MET A 207 -17.60 -13.25 -12.63
C MET A 207 -17.80 -13.78 -14.06
N VAL A 208 -17.86 -15.09 -14.23
CA VAL A 208 -18.05 -15.70 -15.55
C VAL A 208 -19.48 -16.20 -15.74
N TRP A 209 -20.12 -15.77 -16.83
CA TRP A 209 -21.51 -16.14 -17.12
C TRP A 209 -21.73 -17.28 -18.14
N GLY A 210 -20.86 -17.39 -19.15
CA GLY A 210 -21.03 -18.40 -20.17
C GLY A 210 -20.71 -19.84 -19.82
N GLU A 211 -20.75 -20.69 -20.84
CA GLU A 211 -20.47 -22.12 -20.68
C GLU A 211 -18.99 -22.38 -20.57
N GLN A 212 -18.21 -21.63 -21.32
CA GLN A 212 -16.77 -21.78 -21.29
C GLN A 212 -16.29 -21.15 -19.99
N PRO A 213 -15.61 -21.94 -19.13
CA PRO A 213 -15.10 -21.44 -17.85
C PRO A 213 -13.80 -20.67 -18.00
N HIS A 214 -13.43 -19.92 -16.97
CA HIS A 214 -12.20 -19.15 -17.01
C HIS A 214 -11.02 -20.06 -16.75
N ILE A 215 -10.00 -19.96 -17.59
CA ILE A 215 -8.79 -20.78 -17.43
C ILE A 215 -7.63 -19.94 -16.90
N PRO A 216 -7.25 -20.16 -15.63
CA PRO A 216 -6.13 -19.39 -15.07
C PRO A 216 -4.90 -19.57 -15.95
N TRP A 217 -4.14 -18.49 -16.16
CA TRP A 217 -2.96 -18.54 -17.01
C TRP A 217 -1.90 -19.55 -16.57
N SER A 218 -1.97 -19.97 -15.32
CA SER A 218 -1.00 -20.93 -14.80
C SER A 218 -1.07 -22.25 -15.55
N ASN A 219 -2.25 -22.56 -16.10
CA ASN A 219 -2.45 -23.81 -16.81
C ASN A 219 -1.69 -23.93 -18.14
N VAL A 220 -1.34 -22.80 -18.75
CA VAL A 220 -0.61 -22.81 -20.01
C VAL A 220 0.71 -22.04 -19.89
N ALA A 221 0.99 -21.55 -18.69
CA ALA A 221 2.18 -20.76 -18.43
C ALA A 221 3.50 -21.49 -18.67
N ARG A 222 4.50 -20.71 -19.09
CA ARG A 222 5.84 -21.23 -19.37
C ARG A 222 6.86 -20.17 -18.99
N GLY A 223 8.04 -20.61 -18.54
CA GLY A 223 9.11 -19.70 -18.18
C GLY A 223 8.80 -18.65 -17.12
N ASP A 224 8.97 -17.38 -17.47
CA ASP A 224 8.70 -16.28 -16.56
C ASP A 224 7.32 -15.71 -16.84
N TRP A 225 6.44 -15.80 -15.86
CA TRP A 225 5.07 -15.30 -16.01
C TRP A 225 4.51 -14.87 -14.66
N ALA A 226 3.38 -14.18 -14.71
CA ALA A 226 2.72 -13.74 -13.49
C ALA A 226 1.22 -13.75 -13.67
N LEU A 227 0.54 -14.16 -12.61
CA LEU A 227 -0.91 -14.20 -12.57
C LEU A 227 -1.26 -13.29 -11.38
N LEU A 228 -2.01 -12.22 -11.62
CA LEU A 228 -2.36 -11.27 -10.57
C LEU A 228 -3.86 -11.15 -10.34
N THR A 229 -4.28 -11.29 -9.08
CA THR A 229 -5.70 -11.16 -8.72
C THR A 229 -5.92 -10.59 -7.33
N SER A 230 -7.18 -10.69 -6.91
CA SER A 230 -7.62 -10.20 -5.62
C SER A 230 -9.11 -10.51 -5.52
N GLY A 231 -9.67 -10.39 -4.33
CA GLY A 231 -11.08 -10.65 -4.17
C GLY A 231 -11.83 -9.34 -4.15
N SER A 232 -11.11 -8.25 -4.39
CA SER A 232 -11.72 -6.93 -4.33
C SER A 232 -12.85 -6.68 -5.31
N LYS A 233 -12.74 -7.21 -6.51
CA LYS A 233 -13.79 -7.01 -7.49
C LYS A 233 -14.98 -7.94 -7.24
N SER A 234 -14.68 -9.19 -6.85
CA SER A 234 -15.69 -10.21 -6.58
C SER A 234 -16.55 -9.96 -5.36
N PHE A 235 -15.94 -9.55 -4.25
CA PHE A 235 -16.71 -9.32 -3.03
C PHE A 235 -16.92 -7.84 -2.68
N ASN A 236 -16.44 -6.98 -3.57
CA ASN A 236 -16.57 -5.53 -3.41
C ASN A 236 -15.92 -5.02 -2.13
N ILE A 237 -14.62 -5.29 -2.00
CA ILE A 237 -13.86 -4.84 -0.84
C ILE A 237 -12.58 -4.12 -1.23
N PRO A 238 -12.61 -3.33 -2.33
CA PRO A 238 -11.38 -2.63 -2.70
C PRO A 238 -10.88 -1.65 -1.63
N ALA A 239 -11.80 -1.07 -0.85
CA ALA A 239 -11.43 -0.13 0.19
C ALA A 239 -10.63 -0.78 1.32
N LEU A 240 -10.37 -2.07 1.21
CA LEU A 240 -9.58 -2.79 2.22
C LEU A 240 -8.15 -2.97 1.72
N THR A 241 -7.94 -2.69 0.43
CA THR A 241 -6.66 -2.84 -0.26
C THR A 241 -6.23 -4.31 -0.22
N GLY A 242 -5.10 -4.60 -0.87
CA GLY A 242 -4.61 -5.95 -0.89
C GLY A 242 -4.88 -6.63 -2.22
N ALA A 243 -3.98 -7.52 -2.59
CA ALA A 243 -4.08 -8.27 -3.81
C ALA A 243 -3.02 -9.34 -3.61
N TYR A 244 -2.97 -10.32 -4.50
CA TYR A 244 -1.97 -11.36 -4.40
C TYR A 244 -1.72 -11.89 -5.78
N GLY A 245 -0.66 -12.66 -5.94
CA GLY A 245 -0.38 -13.18 -7.25
C GLY A 245 0.65 -14.30 -7.27
N ILE A 246 0.83 -14.86 -8.46
CA ILE A 246 1.79 -15.92 -8.64
C ILE A 246 2.85 -15.39 -9.58
N ILE A 247 4.09 -15.35 -9.11
CA ILE A 247 5.16 -14.87 -9.96
C ILE A 247 6.08 -16.06 -10.12
N GLU A 248 6.31 -16.43 -11.36
CA GLU A 248 7.12 -17.63 -11.58
C GLU A 248 8.57 -17.33 -12.02
N ASN A 249 9.42 -18.14 -11.40
CA ASN A 249 10.89 -18.16 -11.51
C ASN A 249 11.58 -17.32 -10.43
N SER A 250 11.86 -18.16 -9.41
CA SER A 250 12.55 -17.88 -8.16
C SER A 250 13.16 -16.52 -8.22
N SER A 251 13.86 -16.29 -9.31
CA SER A 251 14.53 -15.03 -9.55
C SER A 251 13.55 -13.87 -9.58
N SER A 252 12.63 -13.88 -10.53
CA SER A 252 11.65 -12.81 -10.63
C SER A 252 10.85 -12.64 -9.34
N ARG A 253 10.47 -13.75 -8.72
CA ARG A 253 9.70 -13.67 -7.48
C ARG A 253 10.51 -12.97 -6.39
N ASP A 254 11.76 -13.38 -6.20
CA ASP A 254 12.60 -12.77 -5.19
C ASP A 254 12.85 -11.30 -5.51
N ALA A 255 13.11 -11.01 -6.78
CA ALA A 255 13.36 -9.64 -7.19
C ALA A 255 12.15 -8.78 -6.85
N TYR A 256 10.95 -9.29 -7.12
CA TYR A 256 9.73 -8.54 -6.82
C TYR A 256 9.63 -8.29 -5.33
N LEU A 257 9.90 -9.32 -4.54
CA LEU A 257 9.82 -9.21 -3.09
C LEU A 257 10.80 -8.24 -2.47
N SER A 258 12.04 -8.20 -2.95
CA SER A 258 13.00 -7.28 -2.37
C SER A 258 12.71 -5.83 -2.76
N ALA A 259 11.94 -5.65 -3.82
CA ALA A 259 11.55 -4.32 -4.26
C ALA A 259 10.36 -3.91 -3.39
N LEU A 260 9.48 -4.87 -3.12
CA LEU A 260 8.29 -4.63 -2.31
C LEU A 260 8.65 -4.30 -0.86
N LYS A 261 9.52 -5.10 -0.27
CA LYS A 261 9.93 -4.93 1.11
C LYS A 261 11.11 -3.99 1.32
N GLY A 262 12.18 -4.18 0.55
CA GLY A 262 13.33 -3.34 0.70
C GLY A 262 13.21 -1.93 0.12
N ARG A 263 13.12 -1.84 -1.20
CA ARG A 263 13.05 -0.55 -1.87
C ARG A 263 11.84 0.33 -1.56
N ASP A 264 10.63 -0.21 -1.64
CA ASP A 264 9.43 0.58 -1.40
C ASP A 264 8.77 0.49 -0.02
N GLY A 265 9.31 -0.37 0.86
CA GLY A 265 8.75 -0.52 2.20
C GLY A 265 7.26 -0.80 2.28
N LEU A 266 6.77 -1.76 1.49
CA LEU A 266 5.34 -2.11 1.47
C LEU A 266 5.06 -3.57 1.85
N SER A 267 6.03 -4.27 2.44
CA SER A 267 5.82 -5.68 2.79
C SER A 267 4.79 -5.91 3.90
N SER A 268 4.59 -4.91 4.76
CA SER A 268 3.61 -5.04 5.84
C SER A 268 2.22 -4.84 5.24
N PRO A 269 1.39 -5.88 5.24
CA PRO A 269 0.02 -5.84 4.70
C PRO A 269 -1.04 -5.40 5.67
N SER A 270 -2.20 -5.03 5.15
CA SER A 270 -3.28 -4.65 6.03
C SER A 270 -3.86 -5.98 6.49
N VAL A 271 -3.73 -6.25 7.77
CA VAL A 271 -4.22 -7.48 8.35
C VAL A 271 -5.69 -7.73 8.03
N LEU A 272 -6.46 -6.67 7.84
CA LEU A 272 -7.88 -6.85 7.55
C LEU A 272 -8.14 -7.31 6.13
N ALA A 273 -7.25 -6.96 5.21
CA ALA A 273 -7.41 -7.41 3.83
C ALA A 273 -7.21 -8.94 3.83
N LEU A 274 -6.24 -9.42 4.60
CA LEU A 274 -5.98 -10.85 4.67
C LEU A 274 -7.19 -11.54 5.27
N THR A 275 -7.67 -11.02 6.38
CA THR A 275 -8.83 -11.60 7.05
C THR A 275 -10.04 -11.67 6.12
N ALA A 276 -10.28 -10.60 5.37
CA ALA A 276 -11.41 -10.56 4.45
C ALA A 276 -11.29 -11.66 3.40
N HIS A 277 -10.10 -11.83 2.83
CA HIS A 277 -9.91 -12.85 1.81
C HIS A 277 -10.11 -14.27 2.37
N ILE A 278 -9.54 -14.53 3.53
CA ILE A 278 -9.68 -15.84 4.14
C ILE A 278 -11.16 -16.16 4.32
N ALA A 279 -11.93 -15.21 4.82
CA ALA A 279 -13.37 -15.41 5.04
C ALA A 279 -14.13 -15.52 3.73
N ALA A 280 -13.63 -14.83 2.70
CA ALA A 280 -14.29 -14.84 1.41
C ALA A 280 -14.10 -16.20 0.74
N TYR A 281 -12.86 -16.65 0.68
CA TYR A 281 -12.52 -17.91 0.04
C TYR A 281 -12.95 -19.16 0.80
N GLN A 282 -13.11 -19.04 2.12
CA GLN A 282 -13.51 -20.18 2.93
C GLN A 282 -15.00 -20.28 3.20
N GLN A 283 -15.73 -19.16 3.15
CA GLN A 283 -17.16 -19.18 3.42
C GLN A 283 -18.00 -18.32 2.48
N GLY A 284 -17.35 -17.63 1.56
CA GLY A 284 -18.06 -16.73 0.67
C GLY A 284 -18.75 -17.31 -0.54
N ALA A 285 -18.54 -18.60 -0.79
CA ALA A 285 -19.15 -19.26 -1.95
C ALA A 285 -20.67 -19.08 -2.07
N PRO A 286 -21.41 -19.38 -1.00
CA PRO A 286 -22.87 -19.24 -1.02
C PRO A 286 -23.32 -17.83 -1.36
N TRP A 287 -22.60 -16.83 -0.84
CA TRP A 287 -22.93 -15.45 -1.11
C TRP A 287 -22.54 -15.09 -2.53
N LEU A 288 -21.37 -15.55 -2.96
CA LEU A 288 -20.92 -15.24 -4.30
C LEU A 288 -21.83 -15.87 -5.35
N ASP A 289 -22.36 -17.06 -5.04
CA ASP A 289 -23.25 -17.71 -5.98
C ASP A 289 -24.56 -16.95 -6.14
N ALA A 290 -25.10 -16.45 -5.04
CA ALA A 290 -26.35 -15.70 -5.08
C ALA A 290 -26.12 -14.41 -5.86
N LEU A 291 -24.93 -13.83 -5.72
CA LEU A 291 -24.63 -12.59 -6.42
C LEU A 291 -24.51 -12.85 -7.93
N ARG A 292 -23.80 -13.92 -8.29
CA ARG A 292 -23.62 -14.26 -9.70
C ARG A 292 -24.97 -14.33 -10.42
N ILE A 293 -25.93 -15.00 -9.80
CA ILE A 293 -27.27 -15.14 -10.37
C ILE A 293 -27.97 -13.80 -10.52
N TYR A 294 -27.94 -13.00 -9.46
CA TYR A 294 -28.58 -11.70 -9.47
C TYR A 294 -27.98 -10.81 -10.55
N LEU A 295 -26.65 -10.84 -10.67
CA LEU A 295 -25.97 -10.02 -11.66
C LEU A 295 -26.27 -10.49 -13.09
N LYS A 296 -26.23 -11.81 -13.30
CA LYS A 296 -26.50 -12.37 -14.61
C LYS A 296 -27.90 -11.97 -15.10
N ASP A 297 -28.88 -12.00 -14.20
CA ASP A 297 -30.24 -11.61 -14.58
C ASP A 297 -30.29 -10.11 -14.89
N ASN A 298 -29.49 -9.34 -14.16
CA ASN A 298 -29.43 -7.88 -14.38
C ASN A 298 -28.93 -7.62 -15.79
N LEU A 299 -27.85 -8.30 -16.15
CA LEU A 299 -27.26 -8.17 -17.48
C LEU A 299 -28.34 -8.58 -18.50
N THR A 300 -29.01 -9.70 -18.21
CA THR A 300 -30.06 -10.21 -19.08
C THR A 300 -31.15 -9.15 -19.28
N TYR A 301 -31.56 -8.51 -18.17
CA TYR A 301 -32.59 -7.48 -18.22
C TYR A 301 -32.21 -6.42 -19.24
N ILE A 302 -30.95 -6.01 -19.24
CA ILE A 302 -30.48 -5.00 -20.16
C ILE A 302 -30.62 -5.45 -21.61
N ALA A 303 -30.30 -6.73 -21.86
CA ALA A 303 -30.39 -7.28 -23.20
C ALA A 303 -31.84 -7.24 -23.69
N ASP A 304 -32.77 -7.69 -22.85
CA ASP A 304 -34.17 -7.68 -23.22
C ASP A 304 -34.69 -6.29 -23.50
N LYS A 305 -34.48 -5.36 -22.58
CA LYS A 305 -34.95 -3.99 -22.76
C LYS A 305 -34.35 -3.28 -23.96
N MET A 306 -33.04 -3.42 -24.15
CA MET A 306 -32.38 -2.75 -25.27
C MET A 306 -32.74 -3.37 -26.62
N ASN A 307 -32.76 -4.69 -26.70
CA ASN A 307 -33.09 -5.35 -27.96
C ASN A 307 -34.55 -5.15 -28.36
N ALA A 308 -35.44 -5.04 -27.37
CA ALA A 308 -36.85 -4.84 -27.63
C ALA A 308 -37.05 -3.44 -28.22
N ALA A 309 -36.37 -2.44 -27.66
CA ALA A 309 -36.51 -1.08 -28.15
C ALA A 309 -35.74 -0.86 -29.44
N PHE A 310 -34.56 -1.48 -29.55
CA PHE A 310 -33.74 -1.31 -30.73
C PHE A 310 -33.30 -2.62 -31.33
N PRO A 311 -34.20 -3.27 -32.10
CA PRO A 311 -33.89 -4.55 -32.75
C PRO A 311 -32.69 -4.32 -33.67
N GLU A 312 -32.50 -3.06 -34.04
CA GLU A 312 -31.39 -2.64 -34.90
C GLU A 312 -30.08 -2.77 -34.12
N LEU A 313 -30.00 -3.83 -33.32
CA LEU A 313 -28.83 -4.16 -32.50
C LEU A 313 -29.18 -5.42 -31.70
N ASN A 314 -28.46 -6.50 -31.99
CA ASN A 314 -28.71 -7.78 -31.32
C ASN A 314 -27.65 -7.97 -30.23
N TRP A 315 -27.70 -7.11 -29.22
CA TRP A 315 -26.74 -7.16 -28.11
C TRP A 315 -26.86 -8.46 -27.30
N GLN A 316 -25.74 -9.13 -27.09
CA GLN A 316 -25.68 -10.36 -26.31
C GLN A 316 -25.05 -9.95 -24.97
N ILE A 317 -25.40 -10.63 -23.88
CA ILE A 317 -24.78 -10.30 -22.60
C ILE A 317 -23.34 -10.81 -22.66
N PRO A 318 -22.40 -10.15 -21.97
CA PRO A 318 -21.00 -10.55 -21.97
C PRO A 318 -20.74 -11.94 -21.39
N GLN A 319 -19.58 -12.51 -21.68
CA GLN A 319 -19.24 -13.82 -21.16
C GLN A 319 -18.90 -13.73 -19.68
N SER A 320 -18.42 -12.56 -19.25
CA SER A 320 -18.03 -12.32 -17.86
C SER A 320 -18.13 -10.85 -17.54
N THR A 321 -18.05 -10.51 -16.26
CA THR A 321 -18.11 -9.12 -15.82
C THR A 321 -19.53 -8.61 -15.53
N TYR A 322 -19.64 -7.59 -14.68
CA TYR A 322 -20.94 -7.00 -14.38
C TYR A 322 -21.02 -5.64 -15.04
N LEU A 323 -20.18 -5.46 -16.06
CA LEU A 323 -20.12 -4.23 -16.82
C LEU A 323 -20.71 -4.54 -18.20
N ALA A 324 -21.54 -3.64 -18.69
CA ALA A 324 -22.16 -3.82 -20.00
C ALA A 324 -21.48 -2.92 -21.02
N TRP A 325 -20.77 -3.55 -21.95
CA TRP A 325 -20.07 -2.84 -23.00
C TRP A 325 -21.07 -2.85 -24.16
N LEU A 326 -21.92 -1.82 -24.22
CA LEU A 326 -22.96 -1.72 -25.24
C LEU A 326 -22.54 -1.04 -26.55
N ASP A 327 -22.65 -1.79 -27.66
CA ASP A 327 -22.30 -1.31 -28.99
C ASP A 327 -23.52 -0.59 -29.58
N LEU A 328 -23.42 0.72 -29.73
CA LEU A 328 -24.52 1.52 -30.27
C LEU A 328 -24.29 1.97 -31.70
N ARG A 329 -23.13 1.65 -32.26
CA ARG A 329 -22.81 2.02 -33.64
C ARG A 329 -23.95 1.75 -34.63
N PRO A 330 -24.65 0.62 -34.49
CA PRO A 330 -25.76 0.33 -35.42
C PRO A 330 -26.85 1.39 -35.46
N LEU A 331 -26.86 2.29 -34.48
CA LEU A 331 -27.88 3.34 -34.43
C LEU A 331 -27.49 4.66 -35.07
N ASN A 332 -26.23 4.75 -35.49
CA ASN A 332 -25.73 5.97 -36.13
C ASN A 332 -26.04 7.21 -35.31
N ILE A 333 -25.99 7.06 -33.99
CA ILE A 333 -26.27 8.16 -33.06
C ILE A 333 -24.96 8.89 -32.80
N ASP A 334 -25.02 10.09 -32.23
CA ASP A 334 -23.79 10.83 -31.92
C ASP A 334 -23.45 10.74 -30.44
N ASP A 335 -22.26 10.21 -30.17
CA ASP A 335 -21.78 10.01 -28.80
C ASP A 335 -21.93 11.22 -27.88
N ASN A 336 -21.55 12.40 -28.37
CA ASN A 336 -21.65 13.61 -27.55
C ASN A 336 -23.07 14.11 -27.36
N ALA A 337 -23.88 14.01 -28.40
CA ALA A 337 -25.27 14.44 -28.32
C ALA A 337 -25.96 13.55 -27.28
N LEU A 338 -25.77 12.23 -27.43
CA LEU A 338 -26.33 11.23 -26.53
C LEU A 338 -25.91 11.50 -25.10
N GLN A 339 -24.62 11.79 -24.92
CA GLN A 339 -24.07 12.08 -23.60
C GLN A 339 -24.76 13.32 -23.02
N LYS A 340 -24.99 14.31 -23.86
CA LYS A 340 -25.62 15.56 -23.45
C LYS A 340 -27.05 15.29 -22.97
N ALA A 341 -27.77 14.46 -23.71
CA ALA A 341 -29.16 14.13 -23.38
C ALA A 341 -29.24 13.36 -22.08
N LEU A 342 -28.32 12.43 -21.87
CA LEU A 342 -28.30 11.62 -20.65
C LEU A 342 -28.10 12.50 -19.42
N ILE A 343 -27.13 13.41 -19.51
CA ILE A 343 -26.82 14.30 -18.40
C ILE A 343 -27.90 15.33 -18.08
N GLU A 344 -28.18 16.22 -19.04
CA GLU A 344 -29.16 17.27 -18.85
C GLU A 344 -30.63 16.81 -18.83
N GLN A 345 -30.99 15.94 -19.76
CA GLN A 345 -32.37 15.48 -19.85
C GLN A 345 -32.74 14.35 -18.89
N GLU A 346 -31.90 13.32 -18.81
CA GLU A 346 -32.17 12.18 -17.94
C GLU A 346 -31.45 12.21 -16.60
N LYS A 347 -30.46 13.09 -16.47
CA LYS A 347 -29.69 13.21 -15.24
C LYS A 347 -29.16 11.84 -14.81
N VAL A 348 -28.67 11.10 -15.79
CA VAL A 348 -28.10 9.78 -15.59
C VAL A 348 -26.65 9.87 -16.05
N ALA A 349 -25.74 9.20 -15.35
CA ALA A 349 -24.34 9.23 -15.72
C ALA A 349 -23.88 7.86 -16.20
N ILE A 350 -23.59 7.77 -17.50
CA ILE A 350 -23.14 6.52 -18.08
C ILE A 350 -21.85 6.77 -18.86
N MET A 351 -20.79 6.06 -18.48
CA MET A 351 -19.47 6.20 -19.09
C MET A 351 -19.46 6.08 -20.61
N PRO A 352 -19.08 7.17 -21.31
CA PRO A 352 -19.03 7.17 -22.77
C PRO A 352 -17.79 6.40 -23.25
N GLY A 353 -18.04 5.41 -24.11
CA GLY A 353 -16.96 4.57 -24.62
C GLY A 353 -15.75 5.26 -25.25
N TYR A 354 -15.89 6.51 -25.69
CA TYR A 354 -14.75 7.16 -26.31
C TYR A 354 -13.63 7.49 -25.33
N THR A 355 -13.87 7.24 -24.05
CA THR A 355 -12.84 7.49 -23.04
C THR A 355 -11.71 6.48 -23.28
N TYR A 356 -12.01 5.42 -24.03
CA TYR A 356 -11.02 4.38 -24.34
C TYR A 356 -10.40 4.61 -25.73
N GLY A 357 -10.40 5.85 -26.19
CA GLY A 357 -9.83 6.13 -27.51
C GLY A 357 -10.80 5.72 -28.60
N GLU A 358 -10.28 5.52 -29.81
CA GLU A 358 -11.14 5.13 -30.93
C GLU A 358 -11.94 3.85 -30.68
N GLU A 359 -11.27 2.77 -30.26
CA GLU A 359 -11.94 1.49 -29.99
C GLU A 359 -13.30 1.60 -29.33
N GLY A 360 -13.46 2.60 -28.47
CA GLY A 360 -14.72 2.77 -27.76
C GLY A 360 -15.72 3.75 -28.34
N ARG A 361 -15.40 4.29 -29.52
CA ARG A 361 -16.29 5.24 -30.18
C ARG A 361 -17.57 4.48 -30.56
N GLY A 362 -18.71 4.94 -30.05
CA GLY A 362 -19.97 4.27 -30.36
C GLY A 362 -20.42 3.29 -29.29
N PHE A 363 -19.73 3.30 -28.14
CA PHE A 363 -20.07 2.43 -27.02
C PHE A 363 -20.33 3.24 -25.77
N VAL A 364 -20.94 2.59 -24.78
CA VAL A 364 -21.23 3.18 -23.48
C VAL A 364 -21.08 2.02 -22.52
N ARG A 365 -20.45 2.28 -21.38
CA ARG A 365 -20.26 1.22 -20.39
C ARG A 365 -21.23 1.50 -19.26
N LEU A 366 -22.04 0.50 -18.94
CA LEU A 366 -23.04 0.62 -17.90
C LEU A 366 -22.76 -0.43 -16.83
N ASN A 367 -22.51 0.03 -15.60
CA ASN A 367 -22.22 -0.87 -14.49
C ASN A 367 -23.50 -1.51 -13.97
N ALA A 368 -23.60 -2.82 -14.13
CA ALA A 368 -24.79 -3.55 -13.70
C ALA A 368 -24.66 -4.09 -12.30
N GLY A 369 -23.59 -3.72 -11.61
CA GLY A 369 -23.39 -4.18 -10.24
C GLY A 369 -24.13 -3.26 -9.29
N CYS A 370 -25.45 -3.38 -9.28
CA CYS A 370 -26.27 -2.55 -8.42
C CYS A 370 -27.67 -3.14 -8.31
N PRO A 371 -28.50 -2.59 -7.42
CA PRO A 371 -29.86 -3.10 -7.26
C PRO A 371 -30.62 -2.86 -8.57
N ARG A 372 -31.52 -3.77 -8.92
CA ARG A 372 -32.24 -3.59 -10.18
C ARG A 372 -33.06 -2.31 -10.23
N SER A 373 -33.63 -1.90 -9.10
CA SER A 373 -34.44 -0.69 -9.06
C SER A 373 -33.62 0.46 -9.59
N LYS A 374 -32.31 0.42 -9.35
CA LYS A 374 -31.42 1.46 -9.82
C LYS A 374 -31.15 1.24 -11.31
N LEU A 375 -30.88 -0.01 -11.69
CA LEU A 375 -30.61 -0.34 -13.08
C LEU A 375 -31.76 0.10 -13.98
N GLU A 376 -32.99 -0.16 -13.52
CA GLU A 376 -34.19 0.21 -14.27
C GLU A 376 -34.16 1.66 -14.70
N LYS A 377 -33.95 2.54 -13.72
CA LYS A 377 -33.92 3.99 -13.94
C LYS A 377 -32.67 4.35 -14.74
N GLY A 378 -31.83 3.35 -14.97
CA GLY A 378 -30.61 3.56 -15.74
C GLY A 378 -30.86 3.24 -17.20
N VAL A 379 -31.27 2.01 -17.48
CA VAL A 379 -31.55 1.59 -18.85
C VAL A 379 -32.62 2.55 -19.39
N ALA A 380 -33.58 2.89 -18.53
CA ALA A 380 -34.66 3.80 -18.89
C ALA A 380 -34.09 5.12 -19.40
N GLY A 381 -33.19 5.71 -18.62
CA GLY A 381 -32.59 6.97 -19.00
C GLY A 381 -31.76 6.88 -20.27
N LEU A 382 -31.24 5.69 -20.55
CA LEU A 382 -30.43 5.48 -21.74
C LEU A 382 -31.34 5.47 -22.96
N ILE A 383 -32.56 4.98 -22.78
CA ILE A 383 -33.54 4.93 -23.86
C ILE A 383 -34.03 6.33 -24.23
N ASN A 384 -34.59 7.03 -23.23
CA ASN A 384 -35.10 8.38 -23.43
C ASN A 384 -34.02 9.27 -24.01
N ALA A 385 -32.79 8.78 -23.99
CA ALA A 385 -31.67 9.55 -24.52
C ALA A 385 -31.41 9.16 -25.98
N ILE A 386 -31.33 7.86 -26.23
CA ILE A 386 -31.09 7.37 -27.58
C ILE A 386 -32.19 7.87 -28.51
N ARG A 387 -33.43 7.75 -28.07
CA ARG A 387 -34.57 8.20 -28.86
C ARG A 387 -34.56 9.72 -29.03
N ALA A 388 -34.20 10.42 -27.96
CA ALA A 388 -34.16 11.88 -28.00
C ALA A 388 -33.23 12.41 -29.08
N VAL A 389 -32.30 11.59 -29.53
CA VAL A 389 -31.35 12.05 -30.53
C VAL A 389 -31.21 11.21 -31.81
N ARG A 390 -32.09 10.24 -32.02
CA ARG A 390 -32.02 9.43 -33.24
C ARG A 390 -32.12 10.35 -34.47
N PHE B 2 -8.06 3.47 31.52
CA PHE B 2 -6.99 2.90 30.65
C PHE B 2 -5.96 2.15 31.47
N ASP B 3 -5.84 0.86 31.21
CA ASP B 3 -4.89 0.04 31.94
C ASP B 3 -3.96 -0.65 30.97
N PHE B 4 -2.67 -0.35 31.09
CA PHE B 4 -1.68 -0.97 30.22
C PHE B 4 -0.95 -2.03 31.01
N SER B 5 -1.39 -2.23 32.24
CA SER B 5 -0.82 -3.23 33.13
C SER B 5 -1.56 -4.53 32.89
N LYS B 6 -1.73 -4.89 31.63
CA LYS B 6 -2.44 -6.12 31.30
C LYS B 6 -1.87 -6.76 30.04
N VAL B 7 -1.40 -7.99 30.18
CA VAL B 7 -0.83 -8.73 29.07
C VAL B 7 -1.90 -9.29 28.13
N VAL B 8 -1.89 -8.84 26.89
CA VAL B 8 -2.86 -9.31 25.90
C VAL B 8 -2.39 -10.60 25.28
N LEU B 30 11.49 -17.59 23.66
CA LEU B 30 12.22 -16.41 24.11
C LEU B 30 11.28 -15.24 24.36
N LEU B 31 11.40 -14.58 25.50
CA LEU B 31 10.55 -13.42 25.75
C LEU B 31 11.18 -12.35 24.85
N PRO B 32 10.43 -11.84 23.86
CA PRO B 32 10.90 -10.82 22.91
C PRO B 32 10.74 -9.34 23.22
N PHE B 33 11.81 -8.59 22.94
CA PHE B 33 11.83 -7.14 23.12
C PHE B 33 12.53 -6.60 21.87
N THR B 34 12.34 -7.28 20.75
CA THR B 34 13.03 -6.90 19.52
C THR B 34 12.32 -6.14 18.41
N ILE B 35 11.01 -5.92 18.45
CA ILE B 35 10.43 -5.18 17.33
C ILE B 35 9.75 -3.86 17.55
N SER B 36 9.90 -3.02 16.53
CA SER B 36 9.39 -1.65 16.43
C SER B 36 8.02 -1.29 16.99
N ASP B 37 7.09 -2.24 17.08
CA ASP B 37 5.74 -1.94 17.57
C ASP B 37 5.54 -2.19 19.07
N MET B 38 4.33 -1.95 19.56
CA MET B 38 4.03 -2.15 20.98
C MET B 38 3.17 -3.40 21.20
N ASP B 39 3.00 -3.77 22.47
CA ASP B 39 2.20 -4.94 22.83
C ASP B 39 0.82 -4.51 23.30
N PHE B 40 0.50 -3.23 23.19
CA PHE B 40 -0.79 -2.77 23.66
C PHE B 40 -1.87 -2.77 22.60
N ALA B 41 -3.11 -2.80 23.06
CA ALA B 41 -4.26 -2.74 22.19
C ALA B 41 -4.47 -1.24 21.93
N THR B 42 -4.93 -0.87 20.74
CA THR B 42 -5.13 0.54 20.45
C THR B 42 -6.19 1.18 21.31
N ALA B 43 -6.37 2.47 21.11
CA ALA B 43 -7.35 3.26 21.84
C ALA B 43 -8.74 2.73 21.54
N PRO B 44 -9.58 2.61 22.57
CA PRO B 44 -10.95 2.12 22.37
C PRO B 44 -11.80 3.00 21.45
N CYS B 45 -11.51 4.29 21.40
CA CYS B 45 -12.27 5.19 20.53
C CYS B 45 -11.97 4.86 19.06
N ILE B 46 -10.81 4.28 18.81
CA ILE B 46 -10.43 3.91 17.46
C ILE B 46 -11.16 2.64 17.11
N ILE B 47 -11.20 1.69 18.03
CA ILE B 47 -11.90 0.42 17.81
C ILE B 47 -13.38 0.68 17.56
N GLU B 48 -14.00 1.45 18.44
CA GLU B 48 -15.40 1.78 18.31
C GLU B 48 -15.68 2.45 16.97
N ALA B 49 -14.75 3.26 16.48
CA ALA B 49 -14.94 3.95 15.19
C ALA B 49 -14.80 2.95 14.04
N LEU B 50 -13.89 1.99 14.19
CA LEU B 50 -13.71 1.00 13.14
C LEU B 50 -14.94 0.08 13.08
N ASN B 51 -15.45 -0.30 14.26
CA ASN B 51 -16.61 -1.17 14.34
C ASN B 51 -17.81 -0.52 13.67
N GLN B 52 -17.99 0.77 13.89
CA GLN B 52 -19.09 1.50 13.32
C GLN B 52 -18.98 1.54 11.79
N ARG B 53 -17.80 1.87 11.29
CA ARG B 53 -17.55 1.93 9.85
C ARG B 53 -17.72 0.52 9.30
N LEU B 54 -17.47 -0.46 10.16
CA LEU B 54 -17.58 -1.86 9.78
C LEU B 54 -19.04 -2.23 9.52
N MET B 55 -19.92 -1.81 10.42
CA MET B 55 -21.35 -2.12 10.29
C MET B 55 -22.02 -1.48 9.09
N HIS B 56 -21.32 -0.60 8.38
CA HIS B 56 -21.91 0.01 7.20
C HIS B 56 -21.89 -1.00 6.05
N GLY B 57 -21.05 -2.03 6.20
CA GLY B 57 -20.96 -3.09 5.21
C GLY B 57 -20.36 -2.87 3.84
N VAL B 58 -20.57 -1.70 3.25
CA VAL B 58 -20.03 -1.42 1.92
C VAL B 58 -18.56 -1.02 1.96
N PHE B 59 -17.75 -1.63 1.11
CA PHE B 59 -16.32 -1.34 1.07
C PHE B 59 -15.82 -0.98 -0.32
N GLY B 60 -16.58 -0.15 -1.01
CA GLY B 60 -16.22 0.26 -2.34
C GLY B 60 -15.11 1.30 -2.29
N TYR B 61 -14.67 1.75 -3.46
CA TYR B 61 -13.60 2.75 -3.55
C TYR B 61 -13.90 4.02 -2.76
N SER B 62 -12.89 4.49 -2.02
CA SER B 62 -13.00 5.70 -1.23
C SER B 62 -11.85 6.64 -1.55
N ARG B 63 -12.08 7.95 -1.37
CA ARG B 63 -11.06 8.95 -1.64
C ARG B 63 -10.36 9.33 -0.34
N TRP B 64 -9.05 9.59 -0.41
CA TRP B 64 -8.32 10.00 0.78
C TRP B 64 -8.43 11.50 0.95
N LYS B 65 -8.74 12.22 -0.13
CA LYS B 65 -8.91 13.67 -0.10
C LYS B 65 -10.21 13.95 0.64
N ASN B 66 -10.35 13.29 1.79
CA ASN B 66 -11.52 13.40 2.66
C ASN B 66 -11.30 14.56 3.62
N ASP B 67 -12.28 15.45 3.70
CA ASP B 67 -12.18 16.62 4.58
C ASP B 67 -11.96 16.30 6.05
N GLU B 68 -12.69 15.32 6.57
CA GLU B 68 -12.53 14.93 7.96
C GLU B 68 -11.09 14.51 8.24
N PHE B 69 -10.55 13.67 7.36
CA PHE B 69 -9.19 13.18 7.49
C PHE B 69 -8.24 14.37 7.54
N LEU B 70 -8.32 15.23 6.54
CA LEU B 70 -7.47 16.42 6.50
C LEU B 70 -7.72 17.32 7.71
N ALA B 71 -8.99 17.51 8.07
CA ALA B 71 -9.30 18.35 9.22
C ALA B 71 -8.73 17.74 10.49
N ALA B 72 -8.74 16.41 10.58
CA ALA B 72 -8.22 15.74 11.77
C ALA B 72 -6.72 15.99 11.87
N ILE B 73 -6.04 15.92 10.72
CA ILE B 73 -4.61 16.16 10.71
C ILE B 73 -4.27 17.58 11.14
N ALA B 74 -4.96 18.56 10.56
CA ALA B 74 -4.71 19.95 10.89
C ALA B 74 -4.93 20.16 12.38
N HIS B 75 -6.01 19.58 12.87
CA HIS B 75 -6.37 19.67 14.28
C HIS B 75 -5.27 19.08 15.17
N TRP B 76 -4.74 17.91 14.76
CA TRP B 76 -3.72 17.27 15.56
C TRP B 76 -2.46 18.10 15.61
N PHE B 77 -2.03 18.61 14.47
CA PHE B 77 -0.82 19.42 14.49
C PHE B 77 -0.93 20.69 15.34
N SER B 78 -2.08 21.37 15.33
CA SER B 78 -2.18 22.58 16.13
C SER B 78 -2.43 22.39 17.62
N THR B 79 -3.07 21.29 18.01
CA THR B 79 -3.35 21.05 19.42
C THR B 79 -2.26 20.27 20.13
N GLN B 80 -1.56 19.41 19.37
CA GLN B 80 -0.49 18.59 19.92
C GLN B 80 0.89 19.13 19.62
N HIS B 81 1.03 19.86 18.52
CA HIS B 81 2.32 20.39 18.14
C HIS B 81 2.42 21.87 17.93
N TYR B 82 1.32 22.59 18.19
CA TYR B 82 1.29 24.04 18.07
C TYR B 82 1.92 24.51 16.78
N THR B 83 1.63 23.78 15.70
CA THR B 83 2.14 24.08 14.39
C THR B 83 0.98 24.17 13.41
N ALA B 84 0.95 25.25 12.64
CA ALA B 84 -0.10 25.47 11.68
C ALA B 84 0.31 24.94 10.32
N ILE B 85 -0.54 24.11 9.71
CA ILE B 85 -0.26 23.55 8.40
C ILE B 85 -1.41 23.81 7.44
N ASP B 86 -1.10 23.82 6.14
CA ASP B 86 -2.09 24.03 5.11
C ASP B 86 -2.58 22.66 4.66
N SER B 87 -3.87 22.40 4.86
CA SER B 87 -4.48 21.12 4.50
C SER B 87 -4.30 20.76 3.03
N GLN B 88 -4.16 21.79 2.19
CA GLN B 88 -4.00 21.58 0.75
C GLN B 88 -2.68 20.93 0.36
N THR B 89 -1.68 21.05 1.23
CA THR B 89 -0.38 20.48 0.95
C THR B 89 -0.24 19.03 1.42
N VAL B 90 -1.24 18.51 2.12
CA VAL B 90 -1.17 17.14 2.62
C VAL B 90 -1.48 16.10 1.55
N VAL B 91 -0.80 14.95 1.65
CA VAL B 91 -1.01 13.84 0.72
C VAL B 91 -1.04 12.54 1.48
N TYR B 92 -1.54 11.48 0.85
CA TYR B 92 -1.62 10.16 1.46
C TYR B 92 -0.51 9.28 0.91
N GLY B 93 -0.17 8.23 1.66
CA GLY B 93 0.84 7.28 1.22
C GLY B 93 0.52 5.93 1.82
N PRO B 94 0.97 4.82 1.22
CA PRO B 94 0.71 3.48 1.77
C PRO B 94 1.51 3.28 3.06
N SER B 95 2.70 3.86 3.10
CA SER B 95 3.57 3.74 4.27
C SER B 95 4.54 4.88 4.20
N VAL B 96 5.19 5.19 5.32
CA VAL B 96 6.18 6.27 5.31
C VAL B 96 7.38 5.96 4.40
N ILE B 97 7.87 4.72 4.46
CA ILE B 97 9.01 4.35 3.65
C ILE B 97 8.74 4.42 2.14
N TYR B 98 7.51 4.15 1.74
CA TYR B 98 7.16 4.27 0.34
C TYR B 98 7.32 5.73 -0.11
N MET B 99 6.90 6.66 0.74
CA MET B 99 7.00 8.07 0.41
C MET B 99 8.45 8.53 0.40
N VAL B 100 9.26 8.03 1.32
CA VAL B 100 10.68 8.37 1.35
C VAL B 100 11.31 7.87 0.06
N SER B 101 10.97 6.64 -0.31
CA SER B 101 11.50 6.00 -1.51
C SER B 101 11.15 6.79 -2.79
N GLU B 102 9.89 7.15 -2.95
CA GLU B 102 9.46 7.89 -4.13
C GLU B 102 10.13 9.26 -4.21
N LEU B 103 10.16 10.00 -3.10
CA LEU B 103 10.79 11.33 -3.12
C LEU B 103 12.27 11.19 -3.48
N ILE B 104 12.89 10.10 -3.06
CA ILE B 104 14.29 9.89 -3.39
C ILE B 104 14.42 9.72 -4.91
N ARG B 105 13.51 8.93 -5.49
CA ARG B 105 13.54 8.73 -6.93
C ARG B 105 13.24 10.04 -7.61
N GLN B 106 12.47 10.87 -6.93
CA GLN B 106 12.09 12.15 -7.50
C GLN B 106 13.10 13.27 -7.36
N TRP B 107 13.78 13.35 -6.23
CA TRP B 107 14.74 14.42 -5.99
C TRP B 107 16.20 14.10 -6.20
N SER B 108 16.50 13.03 -6.91
CA SER B 108 17.90 12.68 -7.15
C SER B 108 18.04 11.76 -8.34
N GLU B 109 19.28 11.57 -8.78
CA GLU B 109 19.57 10.69 -9.90
C GLU B 109 20.23 9.44 -9.37
N THR B 110 20.06 8.35 -10.09
CA THR B 110 20.67 7.10 -9.71
C THR B 110 22.14 7.41 -9.40
N GLY B 111 22.68 6.83 -8.33
CA GLY B 111 24.06 7.08 -7.98
C GLY B 111 24.35 8.24 -7.04
N GLU B 112 23.44 9.22 -6.96
CA GLU B 112 23.71 10.36 -6.09
C GLU B 112 23.49 10.02 -4.62
N GLY B 113 23.91 10.91 -3.73
CA GLY B 113 23.82 10.64 -2.30
C GLY B 113 22.69 11.19 -1.43
N VAL B 114 22.35 10.39 -0.42
CA VAL B 114 21.34 10.76 0.54
C VAL B 114 22.02 10.73 1.91
N VAL B 115 21.92 11.83 2.65
CA VAL B 115 22.53 11.93 3.96
C VAL B 115 21.57 11.47 5.03
N ILE B 116 22.11 10.74 6.00
CA ILE B 116 21.34 10.27 7.14
C ILE B 116 22.28 10.26 8.35
N HIS B 117 21.73 10.50 9.54
CA HIS B 117 22.54 10.46 10.76
C HIS B 117 22.51 9.03 11.22
N THR B 118 23.66 8.52 11.65
CA THR B 118 23.74 7.15 12.13
C THR B 118 24.09 7.14 13.62
N PRO B 119 23.70 6.07 14.35
CA PRO B 119 22.95 4.89 13.90
C PRO B 119 21.59 5.26 13.31
N ALA B 120 21.17 4.56 12.27
CA ALA B 120 19.92 4.86 11.61
C ALA B 120 18.97 3.69 11.57
N TYR B 121 17.69 4.00 11.36
CA TYR B 121 16.66 3.01 11.23
C TYR B 121 16.98 2.19 9.99
N ASP B 122 17.10 0.89 10.16
CA ASP B 122 17.45 -0.05 9.10
C ASP B 122 16.81 0.19 7.74
N ALA B 123 15.52 0.46 7.72
CA ALA B 123 14.83 0.65 6.44
C ALA B 123 15.39 1.77 5.57
N PHE B 124 16.06 2.75 6.16
CA PHE B 124 16.63 3.84 5.38
C PHE B 124 17.67 3.32 4.39
N TYR B 125 18.51 2.38 4.83
CA TYR B 125 19.52 1.82 3.94
C TYR B 125 18.86 1.12 2.77
N LYS B 126 17.86 0.30 3.10
CA LYS B 126 17.10 -0.43 2.09
C LYS B 126 16.53 0.51 1.04
N ALA B 127 15.82 1.52 1.52
CA ALA B 127 15.20 2.48 0.63
C ALA B 127 16.22 3.22 -0.21
N ILE B 128 17.36 3.57 0.37
CA ILE B 128 18.35 4.31 -0.39
C ILE B 128 19.09 3.45 -1.40
N GLU B 129 19.64 2.34 -0.93
CA GLU B 129 20.39 1.48 -1.84
C GLU B 129 19.47 0.70 -2.76
N GLY B 130 18.24 0.46 -2.32
CA GLY B 130 17.30 -0.25 -3.17
C GLY B 130 17.01 0.59 -4.41
N ASN B 131 17.19 1.90 -4.30
CA ASN B 131 16.97 2.79 -5.43
C ASN B 131 18.30 3.09 -6.11
N GLN B 132 19.30 2.25 -5.84
CA GLN B 132 20.62 2.44 -6.42
C GLN B 132 21.13 3.86 -6.17
N ARG B 133 20.90 4.35 -4.97
CA ARG B 133 21.36 5.67 -4.59
C ARG B 133 22.41 5.44 -3.51
N THR B 134 23.26 6.42 -3.26
CA THR B 134 24.31 6.23 -2.27
C THR B 134 24.01 6.88 -0.94
N VAL B 135 24.18 6.12 0.14
CA VAL B 135 23.95 6.61 1.47
C VAL B 135 25.22 7.28 2.01
N MET B 136 25.08 8.52 2.48
CA MET B 136 26.21 9.28 3.03
C MET B 136 25.92 9.52 4.52
N PRO B 137 26.57 8.74 5.39
CA PRO B 137 26.36 8.84 6.84
C PRO B 137 27.14 9.88 7.63
N VAL B 138 26.45 10.46 8.60
CA VAL B 138 27.03 11.43 9.51
C VAL B 138 26.69 10.84 10.86
N ALA B 139 27.68 10.28 11.52
CA ALA B 139 27.49 9.66 12.82
C ALA B 139 27.16 10.69 13.90
N LEU B 140 26.23 10.33 14.78
CA LEU B 140 25.86 11.20 15.90
C LEU B 140 26.84 10.94 17.02
N GLU B 141 27.06 11.93 17.87
CA GLU B 141 28.00 11.76 18.98
C GLU B 141 27.33 11.81 20.34
N LYS B 142 27.66 10.83 21.18
CA LYS B 142 27.10 10.77 22.52
C LYS B 142 28.10 11.41 23.45
N GLN B 143 27.62 12.33 24.27
CA GLN B 143 28.50 13.02 25.20
C GLN B 143 27.75 13.41 26.47
N ALA B 144 28.40 14.25 27.28
CA ALA B 144 27.83 14.74 28.53
C ALA B 144 26.38 14.30 28.68
N ASP B 145 25.47 15.15 28.21
CA ASP B 145 24.04 14.84 28.28
C ASP B 145 23.40 14.86 26.90
N GLY B 146 23.20 13.69 26.33
CA GLY B 146 22.57 13.61 25.03
C GLY B 146 23.46 13.42 23.83
N TRP B 147 22.80 13.31 22.69
CA TRP B 147 23.46 13.11 21.40
C TRP B 147 23.53 14.41 20.65
N PHE B 148 24.58 14.58 19.85
CA PHE B 148 24.73 15.80 19.09
C PHE B 148 25.29 15.51 17.72
N CYS B 149 24.95 16.38 16.79
CA CYS B 149 25.45 16.27 15.43
C CYS B 149 26.47 17.39 15.25
N ASP B 150 27.67 17.03 14.82
CA ASP B 150 28.71 18.02 14.60
C ASP B 150 28.32 18.69 13.27
N MET B 151 27.95 19.97 13.32
CA MET B 151 27.52 20.67 12.11
C MET B 151 28.60 20.90 11.06
N GLY B 152 29.86 20.94 11.47
CA GLY B 152 30.93 21.13 10.51
C GLY B 152 31.08 19.86 9.69
N LYS B 153 30.91 18.73 10.36
CA LYS B 153 31.00 17.43 9.73
C LYS B 153 29.85 17.28 8.73
N LEU B 154 28.65 17.59 9.19
CA LEU B 154 27.47 17.48 8.34
C LEU B 154 27.61 18.33 7.07
N GLU B 155 28.11 19.55 7.25
CA GLU B 155 28.30 20.46 6.11
C GLU B 155 29.35 19.92 5.16
N ALA B 156 30.42 19.35 5.72
CA ALA B 156 31.48 18.80 4.90
C ALA B 156 30.86 17.79 3.93
N VAL B 157 29.86 17.05 4.40
CA VAL B 157 29.17 16.05 3.58
C VAL B 157 28.15 16.68 2.65
N LEU B 158 27.41 17.67 3.15
CA LEU B 158 26.38 18.34 2.34
C LEU B 158 26.97 19.16 1.19
N ALA B 159 28.19 19.65 1.37
CA ALA B 159 28.84 20.47 0.35
C ALA B 159 29.26 19.62 -0.86
N LYS B 160 29.20 18.30 -0.70
CA LYS B 160 29.56 17.39 -1.78
C LYS B 160 28.61 17.64 -2.95
N PRO B 161 29.15 17.70 -4.17
CA PRO B 161 28.31 17.94 -5.35
C PRO B 161 27.24 16.87 -5.50
N GLU B 162 27.64 15.62 -5.27
CA GLU B 162 26.73 14.49 -5.40
C GLU B 162 25.73 14.30 -4.26
N CYS B 163 25.79 15.11 -3.22
CA CYS B 163 24.83 14.99 -2.13
C CYS B 163 23.59 15.78 -2.52
N LYS B 164 22.46 15.10 -2.62
CA LYS B 164 21.24 15.76 -3.05
C LYS B 164 20.11 15.84 -2.05
N ILE B 165 20.02 14.85 -1.18
CA ILE B 165 18.94 14.80 -0.20
C ILE B 165 19.45 14.55 1.21
N MET B 166 18.72 15.04 2.20
CA MET B 166 19.04 14.75 3.60
C MET B 166 17.77 14.11 4.20
N LEU B 167 17.89 12.85 4.59
CA LEU B 167 16.78 12.11 5.17
C LEU B 167 16.92 12.34 6.68
N LEU B 168 16.06 13.17 7.23
CA LEU B 168 16.13 13.49 8.65
C LEU B 168 15.10 12.74 9.49
N CYS B 169 15.58 11.96 10.45
CA CYS B 169 14.70 11.22 11.36
C CYS B 169 14.52 12.13 12.57
N SER B 170 13.31 12.69 12.73
CA SER B 170 13.04 13.65 13.80
C SER B 170 11.68 13.43 14.43
N PRO B 171 11.64 12.94 15.69
CA PRO B 171 12.73 12.57 16.59
C PRO B 171 13.56 11.45 15.97
N GLN B 172 14.80 11.34 16.44
CA GLN B 172 15.75 10.38 15.92
C GLN B 172 15.61 9.00 16.55
N ASN B 173 15.57 7.98 15.71
CA ASN B 173 15.48 6.59 16.12
C ASN B 173 16.84 5.98 15.73
N PRO B 174 17.49 5.24 16.64
CA PRO B 174 17.11 4.89 18.02
C PRO B 174 17.58 5.74 19.18
N THR B 175 18.35 6.80 18.94
CA THR B 175 18.85 7.64 20.03
C THR B 175 17.80 8.40 20.81
N GLY B 176 16.65 8.62 20.19
CA GLY B 176 15.60 9.37 20.86
C GLY B 176 15.85 10.87 20.87
N LYS B 177 16.89 11.32 20.20
CA LYS B 177 17.18 12.74 20.18
C LYS B 177 16.01 13.54 19.62
N VAL B 178 15.69 14.65 20.30
CA VAL B 178 14.64 15.56 19.85
C VAL B 178 15.44 16.81 19.50
N TRP B 179 15.54 17.11 18.21
CA TRP B 179 16.32 18.26 17.76
C TRP B 179 15.82 19.57 18.32
N THR B 180 16.75 20.47 18.64
CA THR B 180 16.41 21.79 19.17
C THR B 180 16.17 22.78 18.03
N CYS B 181 15.50 23.89 18.33
CA CYS B 181 15.21 24.93 17.33
C CYS B 181 16.51 25.38 16.64
N ASP B 182 17.60 25.43 17.38
CA ASP B 182 18.87 25.83 16.80
C ASP B 182 19.46 24.83 15.81
N GLU B 183 19.46 23.55 16.16
CA GLU B 183 20.01 22.55 15.26
C GLU B 183 19.18 22.47 13.98
N LEU B 184 17.87 22.60 14.12
CA LEU B 184 16.98 22.58 12.94
C LEU B 184 17.24 23.81 12.06
N GLU B 185 17.41 24.99 12.65
CA GLU B 185 17.69 26.20 11.85
C GLU B 185 18.98 26.01 11.08
N ILE B 186 20.06 25.73 11.81
CA ILE B 186 21.36 25.50 11.22
C ILE B 186 21.30 24.52 10.06
N MET B 187 20.71 23.34 10.28
CA MET B 187 20.58 22.35 9.22
C MET B 187 19.73 22.85 8.05
N ALA B 188 18.61 23.49 8.33
CA ALA B 188 17.74 24.01 7.28
C ALA B 188 18.55 24.96 6.43
N ASP B 189 19.41 25.71 7.12
CA ASP B 189 20.27 26.70 6.49
C ASP B 189 21.37 26.08 5.66
N LEU B 190 22.04 25.07 6.20
CA LEU B 190 23.11 24.41 5.46
C LEU B 190 22.57 23.72 4.21
N CYS B 191 21.38 23.12 4.32
CA CYS B 191 20.78 22.43 3.19
C CYS B 191 20.36 23.36 2.07
N GLU B 192 19.80 24.52 2.43
CA GLU B 192 19.38 25.48 1.42
C GLU B 192 20.62 25.98 0.71
N ARG B 193 21.63 26.31 1.50
CA ARG B 193 22.89 26.81 0.98
C ARG B 193 23.54 25.90 -0.07
N HIS B 194 23.54 24.60 0.18
CA HIS B 194 24.16 23.66 -0.72
C HIS B 194 23.22 22.90 -1.63
N GLY B 195 22.02 23.42 -1.84
CA GLY B 195 21.07 22.74 -2.71
C GLY B 195 20.86 21.28 -2.34
N VAL B 196 20.30 21.07 -1.15
CA VAL B 196 20.03 19.73 -0.67
C VAL B 196 18.60 19.76 -0.15
N ARG B 197 17.73 18.91 -0.69
CA ARG B 197 16.35 18.88 -0.24
C ARG B 197 16.22 18.00 1.00
N VAL B 198 15.26 18.33 1.86
CA VAL B 198 15.06 17.59 3.09
C VAL B 198 13.76 16.82 3.20
N ILE B 199 13.89 15.56 3.61
CA ILE B 199 12.77 14.66 3.85
C ILE B 199 12.80 14.43 5.37
N SER B 200 11.76 14.86 6.08
CA SER B 200 11.72 14.70 7.53
C SER B 200 10.77 13.59 7.91
N ASP B 201 11.30 12.52 8.50
CA ASP B 201 10.49 11.38 8.92
C ASP B 201 10.22 11.65 10.39
N GLU B 202 8.98 12.04 10.68
CA GLU B 202 8.64 12.40 12.04
C GLU B 202 7.61 11.48 12.66
N ILE B 203 7.66 10.21 12.31
CA ILE B 203 6.71 9.25 12.82
C ILE B 203 6.73 9.06 14.34
N HIS B 204 7.80 9.51 14.99
CA HIS B 204 7.86 9.42 16.45
C HIS B 204 7.48 10.73 17.17
N MET B 205 7.01 11.72 16.40
CA MET B 205 6.64 13.04 16.94
C MET B 205 5.79 13.08 18.22
N ASP B 206 4.90 12.11 18.40
CA ASP B 206 4.03 12.12 19.56
C ASP B 206 4.63 11.58 20.86
N MET B 207 5.72 10.84 20.77
CA MET B 207 6.36 10.23 21.93
C MET B 207 7.54 11.03 22.51
N VAL B 208 7.30 12.25 22.96
CA VAL B 208 8.37 13.11 23.50
C VAL B 208 8.30 13.17 25.02
N TRP B 209 9.41 12.93 25.69
CA TRP B 209 9.43 12.93 27.16
C TRP B 209 10.03 14.17 27.82
N GLY B 210 11.00 14.80 27.16
CA GLY B 210 11.67 15.95 27.76
C GLY B 210 10.94 17.29 27.80
N GLU B 211 11.66 18.32 28.22
CA GLU B 211 11.11 19.66 28.31
C GLU B 211 11.04 20.32 26.93
N GLN B 212 12.04 20.04 26.11
CA GLN B 212 12.09 20.60 24.78
C GLN B 212 11.08 19.81 23.96
N PRO B 213 10.10 20.49 23.35
CA PRO B 213 9.06 19.86 22.53
C PRO B 213 9.56 19.57 21.12
N HIS B 214 8.85 18.70 20.42
CA HIS B 214 9.22 18.36 19.06
C HIS B 214 8.80 19.49 18.14
N ILE B 215 9.70 19.96 17.28
CA ILE B 215 9.39 21.02 16.32
C ILE B 215 9.23 20.43 14.91
N PRO B 216 8.00 20.43 14.38
CA PRO B 216 7.80 19.87 13.04
C PRO B 216 8.68 20.63 12.05
N TRP B 217 9.24 19.91 11.08
CA TRP B 217 10.13 20.53 10.10
C TRP B 217 9.52 21.67 9.32
N SER B 218 8.19 21.71 9.26
CA SER B 218 7.49 22.75 8.50
C SER B 218 7.78 24.14 9.04
N ASN B 219 8.12 24.22 10.32
CA ASN B 219 8.41 25.50 10.96
C ASN B 219 9.70 26.16 10.49
N VAL B 220 10.62 25.40 9.92
CA VAL B 220 11.89 25.97 9.44
C VAL B 220 12.10 25.62 7.97
N ALA B 221 11.14 24.92 7.40
CA ALA B 221 11.24 24.47 6.02
C ALA B 221 11.37 25.57 4.96
N ARG B 222 12.12 25.28 3.91
CA ARG B 222 12.30 26.24 2.80
C ARG B 222 12.34 25.46 1.50
N GLY B 223 11.89 26.09 0.42
CA GLY B 223 11.90 25.48 -0.90
C GLY B 223 11.17 24.16 -1.05
N ASP B 224 11.89 23.13 -1.50
CA ASP B 224 11.32 21.80 -1.68
C ASP B 224 11.64 20.94 -0.46
N TRP B 225 10.60 20.49 0.24
CA TRP B 225 10.77 19.66 1.43
C TRP B 225 9.57 18.75 1.67
N ALA B 226 9.76 17.76 2.52
CA ALA B 226 8.68 16.85 2.86
C ALA B 226 8.74 16.50 4.34
N LEU B 227 7.56 16.37 4.93
CA LEU B 227 7.39 15.97 6.32
C LEU B 227 6.50 14.74 6.21
N LEU B 228 6.98 13.59 6.69
CA LEU B 228 6.23 12.35 6.60
C LEU B 228 5.92 11.74 7.97
N THR B 229 4.66 11.35 8.19
CA THR B 229 4.25 10.76 9.46
C THR B 229 3.07 9.82 9.30
N SER B 230 2.52 9.45 10.45
CA SER B 230 1.40 8.54 10.52
C SER B 230 1.07 8.40 11.99
N GLY B 231 -0.04 7.76 12.31
CA GLY B 231 -0.37 7.55 13.70
C GLY B 231 -0.07 6.11 14.05
N SER B 232 0.52 5.37 13.11
CA SER B 232 0.81 3.95 13.36
C SER B 232 1.74 3.67 14.54
N LYS B 233 2.76 4.50 14.76
CA LYS B 233 3.67 4.25 15.87
C LYS B 233 3.07 4.69 17.21
N SER B 234 2.36 5.83 17.20
CA SER B 234 1.70 6.39 18.38
C SER B 234 0.53 5.57 18.92
N PHE B 235 -0.36 5.10 18.05
CA PHE B 235 -1.51 4.34 18.53
C PHE B 235 -1.42 2.85 18.27
N ASN B 236 -0.27 2.43 17.77
CA ASN B 236 -0.03 1.03 17.49
C ASN B 236 -1.04 0.40 16.52
N ILE B 237 -1.16 0.98 15.32
CA ILE B 237 -2.06 0.48 14.29
C ILE B 237 -1.34 0.27 12.96
N PRO B 238 -0.07 -0.13 12.99
CA PRO B 238 0.60 -0.32 11.70
C PRO B 238 -0.09 -1.33 10.78
N ALA B 239 -0.73 -2.34 11.37
CA ALA B 239 -1.41 -3.38 10.59
C ALA B 239 -2.62 -2.86 9.80
N LEU B 240 -2.88 -1.55 9.90
CA LEU B 240 -3.99 -0.95 9.17
C LEU B 240 -3.43 -0.23 7.93
N THR B 241 -2.12 -0.07 7.92
CA THR B 241 -1.39 0.63 6.85
C THR B 241 -1.84 2.09 6.80
N GLY B 242 -1.23 2.85 5.90
CA GLY B 242 -1.55 4.26 5.76
C GLY B 242 -0.54 5.16 6.41
N ALA B 243 -0.34 6.33 5.81
CA ALA B 243 0.57 7.33 6.34
C ALA B 243 0.15 8.56 5.59
N TYR B 244 0.70 9.72 5.96
CA TYR B 244 0.36 10.93 5.28
C TYR B 244 1.54 11.87 5.39
N GLY B 245 1.55 12.93 4.59
CA GLY B 245 2.66 13.83 4.68
C GLY B 245 2.42 15.15 3.98
N ILE B 246 3.37 16.04 4.16
CA ILE B 246 3.32 17.34 3.54
C ILE B 246 4.46 17.40 2.55
N ILE B 247 4.15 17.60 1.29
CA ILE B 247 5.19 17.70 0.27
C ILE B 247 5.07 19.10 -0.26
N GLU B 248 6.17 19.85 -0.19
CA GLU B 248 6.11 21.22 -0.62
C GLU B 248 6.76 21.54 -1.95
N ASN B 249 6.15 22.55 -2.53
CA ASN B 249 6.42 23.08 -3.84
C ASN B 249 5.35 22.22 -4.50
N SER B 250 4.28 22.85 -4.96
CA SER B 250 3.18 22.14 -5.59
C SER B 250 3.63 21.23 -6.72
N SER B 251 4.74 21.55 -7.36
CA SER B 251 5.21 20.69 -8.46
C SER B 251 5.71 19.35 -7.91
N SER B 252 6.45 19.39 -6.80
CA SER B 252 6.96 18.17 -6.18
C SER B 252 5.77 17.32 -5.75
N ARG B 253 4.76 17.97 -5.21
CA ARG B 253 3.55 17.30 -4.76
C ARG B 253 2.80 16.61 -5.91
N ASP B 254 2.59 17.33 -7.00
CA ASP B 254 1.87 16.74 -8.13
C ASP B 254 2.65 15.55 -8.69
N ALA B 255 3.98 15.70 -8.80
CA ALA B 255 4.82 14.62 -9.31
C ALA B 255 4.64 13.37 -8.44
N TYR B 256 4.63 13.54 -7.12
CA TYR B 256 4.46 12.42 -6.22
C TYR B 256 3.10 11.77 -6.43
N LEU B 257 2.06 12.58 -6.55
CA LEU B 257 0.72 12.07 -6.75
C LEU B 257 0.50 11.31 -8.04
N SER B 258 1.09 11.78 -9.14
CA SER B 258 0.86 11.07 -10.40
C SER B 258 1.66 9.77 -10.43
N ALA B 259 2.65 9.67 -9.54
CA ALA B 259 3.45 8.45 -9.45
C ALA B 259 2.65 7.50 -8.55
N LEU B 260 2.02 8.06 -7.52
CA LEU B 260 1.23 7.25 -6.60
C LEU B 260 0.00 6.67 -7.28
N LYS B 261 -0.75 7.50 -7.99
CA LYS B 261 -1.97 7.07 -8.64
C LYS B 261 -1.78 6.50 -10.05
N GLY B 262 -1.05 7.22 -10.89
CA GLY B 262 -0.82 6.75 -12.24
C GLY B 262 0.12 5.58 -12.41
N ARG B 263 1.39 5.79 -12.10
CA ARG B 263 2.41 4.76 -12.26
C ARG B 263 2.26 3.51 -11.41
N ASP B 264 2.11 3.68 -10.10
CA ASP B 264 1.99 2.54 -9.18
C ASP B 264 0.60 2.08 -8.74
N GLY B 265 -0.44 2.78 -9.19
CA GLY B 265 -1.80 2.39 -8.82
C GLY B 265 -2.06 2.18 -7.33
N LEU B 266 -1.68 3.15 -6.51
CA LEU B 266 -1.86 3.06 -5.06
C LEU B 266 -2.65 4.22 -4.47
N SER B 267 -3.38 4.96 -5.29
CA SER B 267 -4.14 6.12 -4.80
C SER B 267 -5.33 5.73 -3.92
N SER B 268 -5.88 4.54 -4.14
CA SER B 268 -7.02 4.06 -3.35
C SER B 268 -6.51 3.63 -1.97
N PRO B 269 -6.91 4.34 -0.92
CA PRO B 269 -6.49 4.03 0.45
C PRO B 269 -7.37 3.04 1.18
N SER B 270 -6.85 2.49 2.27
CA SER B 270 -7.66 1.59 3.07
C SER B 270 -8.52 2.55 3.88
N VAL B 271 -9.82 2.50 3.63
CA VAL B 271 -10.78 3.36 4.30
C VAL B 271 -10.66 3.23 5.83
N LEU B 272 -10.25 2.06 6.32
CA LEU B 272 -10.13 1.88 7.77
C LEU B 272 -8.93 2.61 8.35
N ALA B 273 -7.88 2.79 7.57
CA ALA B 273 -6.71 3.51 8.04
C ALA B 273 -7.13 4.97 8.24
N LEU B 274 -7.92 5.51 7.32
CA LEU B 274 -8.42 6.88 7.45
C LEU B 274 -9.29 7.00 8.68
N THR B 275 -10.22 6.08 8.84
CA THR B 275 -11.13 6.09 9.99
C THR B 275 -10.39 6.03 11.32
N ALA B 276 -9.36 5.20 11.41
CA ALA B 276 -8.57 5.08 12.62
C ALA B 276 -7.87 6.40 12.95
N HIS B 277 -7.30 7.06 11.95
CA HIS B 277 -6.63 8.32 12.20
C HIS B 277 -7.60 9.41 12.66
N ILE B 278 -8.75 9.49 12.00
CA ILE B 278 -9.75 10.49 12.37
C ILE B 278 -10.12 10.34 13.83
N ALA B 279 -10.37 9.11 14.24
CA ALA B 279 -10.76 8.82 15.61
C ALA B 279 -9.59 9.06 16.56
N ALA B 280 -8.38 8.79 16.10
CA ALA B 280 -7.21 8.97 16.93
C ALA B 280 -6.93 10.44 17.21
N TYR B 281 -6.93 11.24 16.15
CA TYR B 281 -6.66 12.67 16.28
C TYR B 281 -7.81 13.49 16.86
N GLN B 282 -9.03 12.97 16.78
CA GLN B 282 -10.18 13.68 17.31
C GLN B 282 -10.57 13.26 18.72
N GLN B 283 -10.30 12.02 19.09
CA GLN B 283 -10.66 11.56 20.42
C GLN B 283 -9.60 10.77 21.16
N GLY B 284 -8.46 10.55 20.53
CA GLY B 284 -7.41 9.76 21.16
C GLY B 284 -6.48 10.43 22.13
N ALA B 285 -6.61 11.73 22.32
CA ALA B 285 -5.74 12.46 23.22
C ALA B 285 -5.69 11.89 24.64
N PRO B 286 -6.85 11.66 25.26
CA PRO B 286 -6.90 11.11 26.63
C PRO B 286 -6.19 9.76 26.73
N TRP B 287 -6.33 8.94 25.70
CA TRP B 287 -5.70 7.64 25.72
C TRP B 287 -4.20 7.78 25.50
N LEU B 288 -3.83 8.67 24.59
CA LEU B 288 -2.43 8.87 24.28
C LEU B 288 -1.69 9.46 25.48
N ASP B 289 -2.36 10.29 26.27
CA ASP B 289 -1.73 10.90 27.43
C ASP B 289 -1.49 9.87 28.52
N ALA B 290 -2.41 8.93 28.65
CA ALA B 290 -2.24 7.90 29.67
C ALA B 290 -1.09 7.00 29.25
N LEU B 291 -0.97 6.78 27.95
CA LEU B 291 0.09 5.91 27.44
C LEU B 291 1.46 6.58 27.63
N ARG B 292 1.53 7.87 27.32
CA ARG B 292 2.79 8.59 27.48
C ARG B 292 3.34 8.46 28.91
N ILE B 293 2.45 8.60 29.89
CA ILE B 293 2.84 8.51 31.29
C ILE B 293 3.33 7.11 31.64
N TYR B 294 2.57 6.10 31.22
CA TYR B 294 2.93 4.73 31.49
C TYR B 294 4.29 4.38 30.86
N LEU B 295 4.50 4.84 29.62
CA LEU B 295 5.75 4.56 28.90
C LEU B 295 6.93 5.27 29.53
N LYS B 296 6.74 6.54 29.88
CA LYS B 296 7.80 7.32 30.50
C LYS B 296 8.24 6.66 31.81
N ASP B 297 7.28 6.17 32.60
CA ASP B 297 7.64 5.51 33.86
C ASP B 297 8.40 4.21 33.60
N ASN B 298 8.01 3.51 32.53
CA ASN B 298 8.67 2.27 32.13
C ASN B 298 10.14 2.59 31.81
N LEU B 299 10.36 3.61 30.99
CA LEU B 299 11.71 4.01 30.63
C LEU B 299 12.47 4.36 31.91
N THR B 300 11.81 5.09 32.81
CA THR B 300 12.40 5.47 34.08
C THR B 300 12.80 4.22 34.89
N TYR B 301 11.93 3.22 34.92
CA TYR B 301 12.20 1.99 35.64
C TYR B 301 13.52 1.40 35.16
N ILE B 302 13.73 1.39 33.85
CA ILE B 302 14.96 0.85 33.29
C ILE B 302 16.19 1.63 33.77
N ALA B 303 16.06 2.94 33.87
CA ALA B 303 17.17 3.76 34.31
C ALA B 303 17.54 3.44 35.75
N ASP B 304 16.54 3.34 36.61
CA ASP B 304 16.77 3.04 38.01
C ASP B 304 17.40 1.67 38.19
N LYS B 305 16.82 0.63 37.58
CA LYS B 305 17.37 -0.70 37.72
C LYS B 305 18.78 -0.85 37.15
N MET B 306 19.02 -0.29 35.98
CA MET B 306 20.34 -0.42 35.37
C MET B 306 21.42 0.40 36.08
N ASN B 307 21.09 1.63 36.47
CA ASN B 307 22.07 2.45 37.15
C ASN B 307 22.39 1.95 38.56
N ALA B 308 21.42 1.31 39.21
CA ALA B 308 21.62 0.79 40.55
C ALA B 308 22.58 -0.40 40.47
N ALA B 309 22.40 -1.25 39.47
CA ALA B 309 23.25 -2.41 39.33
C ALA B 309 24.61 -2.03 38.76
N PHE B 310 24.63 -1.10 37.81
CA PHE B 310 25.85 -0.69 37.16
C PHE B 310 26.02 0.83 37.15
N PRO B 311 26.38 1.41 38.31
CA PRO B 311 26.58 2.86 38.45
C PRO B 311 27.39 3.52 37.33
N GLU B 312 28.35 2.80 36.77
CA GLU B 312 29.19 3.30 35.68
C GLU B 312 28.39 3.68 34.42
N LEU B 313 27.25 3.02 34.22
CA LEU B 313 26.44 3.30 33.04
C LEU B 313 25.98 4.76 32.95
N ASN B 314 25.45 5.27 34.04
CA ASN B 314 24.95 6.64 34.05
C ASN B 314 24.08 6.84 32.83
N TRP B 315 23.09 5.96 32.69
CA TRP B 315 22.16 6.02 31.58
C TRP B 315 20.99 6.96 31.92
N GLN B 316 20.69 7.87 31.00
CA GLN B 316 19.58 8.81 31.15
C GLN B 316 18.49 8.30 30.22
N ILE B 317 17.23 8.51 30.55
CA ILE B 317 16.17 8.05 29.65
C ILE B 317 16.18 8.96 28.42
N PRO B 318 15.79 8.44 27.24
CA PRO B 318 15.78 9.23 26.00
C PRO B 318 14.84 10.42 26.04
N GLN B 319 15.03 11.36 25.12
CA GLN B 319 14.17 12.53 25.06
C GLN B 319 12.83 12.14 24.44
N SER B 320 12.83 11.09 23.63
CA SER B 320 11.61 10.61 22.96
C SER B 320 11.71 9.13 22.63
N THR B 321 10.59 8.52 22.23
CA THR B 321 10.58 7.10 21.86
C THR B 321 10.34 6.14 23.03
N TYR B 322 9.83 4.95 22.73
CA TYR B 322 9.61 3.96 23.76
C TYR B 322 10.67 2.85 23.59
N LEU B 323 11.74 3.19 22.91
CA LEU B 323 12.85 2.29 22.67
C LEU B 323 14.01 2.76 23.55
N ALA B 324 14.71 1.82 24.18
CA ALA B 324 15.83 2.17 25.04
C ALA B 324 17.10 1.80 24.30
N TRP B 325 17.88 2.83 23.99
CA TRP B 325 19.15 2.64 23.29
C TRP B 325 20.17 2.69 24.44
N LEU B 326 20.47 1.51 24.99
CA LEU B 326 21.38 1.39 26.11
C LEU B 326 22.85 1.24 25.73
N ASP B 327 23.68 2.16 26.22
CA ASP B 327 25.12 2.17 25.97
C ASP B 327 25.80 1.32 27.06
N LEU B 328 26.34 0.18 26.63
CA LEU B 328 26.98 -0.72 27.57
C LEU B 328 28.51 -0.67 27.49
N ARG B 329 29.04 0.10 26.54
CA ARG B 329 30.49 0.22 26.38
C ARG B 329 31.27 0.42 27.69
N PRO B 330 30.74 1.18 28.65
CA PRO B 330 31.46 1.37 29.90
C PRO B 330 31.73 0.07 30.68
N LEU B 331 31.06 -1.02 30.31
CA LEU B 331 31.23 -2.28 31.00
C LEU B 331 32.27 -3.21 30.38
N ASN B 332 32.78 -2.83 29.22
CA ASN B 332 33.79 -3.63 28.53
C ASN B 332 33.35 -5.08 28.37
N ILE B 333 32.06 -5.28 28.16
CA ILE B 333 31.48 -6.61 28.00
C ILE B 333 31.57 -6.96 26.52
N ASP B 334 31.38 -8.22 26.16
CA ASP B 334 31.42 -8.64 24.76
C ASP B 334 30.00 -8.85 24.21
N ASP B 335 29.68 -8.10 23.15
CA ASP B 335 28.36 -8.13 22.53
C ASP B 335 27.83 -9.52 22.21
N ASN B 336 28.67 -10.37 21.64
CA ASN B 336 28.25 -11.72 21.28
C ASN B 336 28.09 -12.64 22.48
N ALA B 337 29.00 -12.54 23.44
CA ALA B 337 28.92 -13.35 24.65
C ALA B 337 27.62 -13.00 25.38
N LEU B 338 27.37 -11.71 25.54
CA LEU B 338 26.18 -11.17 26.20
C LEU B 338 24.93 -11.69 25.48
N GLN B 339 24.97 -11.62 24.16
CA GLN B 339 23.86 -12.07 23.35
C GLN B 339 23.61 -13.56 23.60
N LYS B 340 24.69 -14.31 23.70
CA LYS B 340 24.61 -15.75 23.92
C LYS B 340 23.98 -16.05 25.26
N ALA B 341 24.39 -15.31 26.28
CA ALA B 341 23.84 -15.50 27.62
C ALA B 341 22.36 -15.14 27.70
N LEU B 342 21.95 -14.08 27.02
CA LEU B 342 20.55 -13.65 27.03
C LEU B 342 19.67 -14.73 26.42
N ILE B 343 20.08 -15.24 25.26
CA ILE B 343 19.34 -16.27 24.55
C ILE B 343 19.27 -17.61 25.27
N GLU B 344 20.42 -18.24 25.45
CA GLU B 344 20.47 -19.56 26.09
C GLU B 344 20.19 -19.58 27.60
N GLN B 345 20.78 -18.64 28.34
CA GLN B 345 20.60 -18.62 29.78
C GLN B 345 19.35 -17.94 30.28
N GLU B 346 19.08 -16.73 29.79
CA GLU B 346 17.91 -15.97 30.22
C GLU B 346 16.66 -16.14 29.36
N LYS B 347 16.85 -16.65 28.15
CA LYS B 347 15.73 -16.87 27.22
C LYS B 347 14.98 -15.59 26.97
N VAL B 348 15.75 -14.54 26.76
CA VAL B 348 15.23 -13.22 26.48
C VAL B 348 15.81 -12.76 25.15
N ALA B 349 15.00 -12.09 24.35
CA ALA B 349 15.49 -11.61 23.06
C ALA B 349 15.56 -10.10 23.08
N ILE B 350 16.77 -9.55 23.03
CA ILE B 350 17.01 -8.11 23.02
C ILE B 350 17.93 -7.75 21.85
N MET B 351 17.43 -6.90 20.95
CA MET B 351 18.17 -6.47 19.75
C MET B 351 19.59 -5.98 20.02
N PRO B 352 20.61 -6.68 19.48
CA PRO B 352 21.99 -6.27 19.68
C PRO B 352 22.32 -5.08 18.78
N GLY B 353 22.84 -4.01 19.38
CA GLY B 353 23.15 -2.81 18.64
C GLY B 353 24.04 -2.94 17.43
N TYR B 354 24.82 -3.99 17.33
CA TYR B 354 25.69 -4.09 16.16
C TYR B 354 24.95 -4.32 14.87
N THR B 355 23.63 -4.49 14.96
CA THR B 355 22.84 -4.68 13.75
C THR B 355 22.84 -3.36 12.98
N TYR B 356 23.24 -2.28 13.65
CA TYR B 356 23.30 -0.94 13.02
C TYR B 356 24.72 -0.62 12.58
N GLY B 357 25.55 -1.62 12.36
CA GLY B 357 26.92 -1.34 11.96
C GLY B 357 27.78 -0.97 13.16
N GLU B 358 28.92 -0.33 12.93
CA GLU B 358 29.79 0.06 14.02
C GLU B 358 29.13 0.93 15.09
N GLU B 359 28.45 1.99 14.65
CA GLU B 359 27.76 2.92 15.58
C GLU B 359 27.04 2.24 16.75
N GLY B 360 26.51 1.03 16.52
CA GLY B 360 25.78 0.34 17.56
C GLY B 360 26.56 -0.71 18.34
N ARG B 361 27.85 -0.80 18.10
CA ARG B 361 28.68 -1.76 18.80
C ARG B 361 28.72 -1.33 20.26
N GLY B 362 28.29 -2.23 21.16
CA GLY B 362 28.27 -1.90 22.57
C GLY B 362 26.91 -1.43 23.08
N PHE B 363 25.89 -1.52 22.22
CA PHE B 363 24.53 -1.10 22.59
C PHE B 363 23.56 -2.25 22.43
N VAL B 364 22.39 -2.10 23.05
CA VAL B 364 21.30 -3.06 22.93
C VAL B 364 20.06 -2.20 22.89
N ARG B 365 19.07 -2.59 22.10
CA ARG B 365 17.86 -1.80 22.02
C ARG B 365 16.79 -2.64 22.68
N LEU B 366 16.13 -2.04 23.67
CA LEU B 366 15.09 -2.72 24.43
C LEU B 366 13.77 -1.96 24.26
N ASN B 367 12.77 -2.63 23.69
CA ASN B 367 11.47 -2.02 23.45
C ASN B 367 10.67 -1.94 24.75
N ALA B 368 10.43 -0.73 25.22
CA ALA B 368 9.71 -0.52 26.47
C ALA B 368 8.21 -0.35 26.28
N GLY B 369 7.76 -0.52 25.03
CA GLY B 369 6.33 -0.40 24.76
C GLY B 369 5.63 -1.70 25.08
N CYS B 370 5.49 -1.99 26.37
CA CYS B 370 4.86 -3.25 26.78
C CYS B 370 4.47 -3.16 28.23
N PRO B 371 3.71 -4.15 28.72
CA PRO B 371 3.31 -4.12 30.14
C PRO B 371 4.55 -4.18 31.02
N ARG B 372 4.53 -3.54 32.18
CA ARG B 372 5.70 -3.61 33.03
C ARG B 372 6.09 -4.98 33.50
N SER B 373 5.09 -5.83 33.73
CA SER B 373 5.37 -7.18 34.19
C SER B 373 6.30 -7.84 33.18
N LYS B 374 6.14 -7.50 31.90
CA LYS B 374 6.98 -8.07 30.86
C LYS B 374 8.35 -7.42 30.90
N LEU B 375 8.36 -6.09 31.02
CA LEU B 375 9.61 -5.34 31.07
C LEU B 375 10.49 -5.83 32.21
N GLU B 376 9.88 -6.07 33.37
CA GLU B 376 10.62 -6.57 34.52
C GLU B 376 11.51 -7.75 34.18
N LYS B 377 10.99 -8.70 33.42
CA LYS B 377 11.75 -9.89 33.07
C LYS B 377 12.86 -9.55 32.09
N GLY B 378 12.61 -8.59 31.23
CA GLY B 378 13.60 -8.18 30.26
C GLY B 378 14.78 -7.50 30.93
N VAL B 379 14.51 -6.60 31.86
CA VAL B 379 15.60 -5.93 32.55
C VAL B 379 16.34 -6.94 33.43
N ALA B 380 15.60 -7.65 34.27
CA ALA B 380 16.21 -8.66 35.12
C ALA B 380 17.08 -9.56 34.25
N GLY B 381 16.59 -9.84 33.05
CA GLY B 381 17.33 -10.69 32.12
C GLY B 381 18.64 -10.06 31.69
N LEU B 382 18.58 -8.78 31.32
CA LEU B 382 19.77 -8.05 30.87
C LEU B 382 20.80 -8.01 31.98
N ILE B 383 20.35 -7.63 33.17
CA ILE B 383 21.23 -7.56 34.31
C ILE B 383 21.91 -8.91 34.60
N ASN B 384 21.15 -10.01 34.59
CA ASN B 384 21.74 -11.32 34.84
C ASN B 384 22.79 -11.63 33.79
N ALA B 385 22.43 -11.45 32.53
CA ALA B 385 23.33 -11.71 31.41
C ALA B 385 24.61 -10.90 31.50
N ILE B 386 24.48 -9.61 31.79
CA ILE B 386 25.65 -8.75 31.90
C ILE B 386 26.60 -9.29 32.98
N ARG B 387 26.03 -9.66 34.11
CA ARG B 387 26.84 -10.19 35.21
C ARG B 387 27.42 -11.55 34.83
N ALA B 388 26.65 -12.36 34.13
CA ALA B 388 27.14 -13.67 33.74
C ALA B 388 28.41 -13.59 32.89
N VAL B 389 28.66 -12.45 32.27
CA VAL B 389 29.83 -12.35 31.42
C VAL B 389 30.81 -11.21 31.70
N ARG B 390 30.65 -10.52 32.83
CA ARG B 390 31.57 -9.42 33.17
C ARG B 390 32.98 -9.97 33.23
N1 PLP C . -7.55 -4.74 -13.32
C2 PLP C . -8.79 -4.63 -13.95
C2A PLP C . -8.80 -5.13 -15.38
C3 PLP C . -9.90 -4.04 -13.13
O3 PLP C . -11.04 -3.93 -13.81
C4 PLP C . -9.67 -3.66 -11.82
C4A PLP C . -10.78 -3.11 -11.02
C5 PLP C . -8.28 -3.85 -11.26
C6 PLP C . -7.27 -4.37 -12.05
C5A PLP C . -8.02 -3.51 -9.81
O4P PLP C . -6.95 -2.62 -9.62
P PLP C . -6.58 -2.18 -8.10
O1P PLP C . -5.32 -1.40 -8.36
O2P PLP C . -6.25 -3.50 -7.31
O3P PLP C . -7.87 -1.50 -7.67
N1 PLP D . 10.40 5.51 10.25
C2 PLP D . 10.90 5.23 11.52
C2A PLP D . 12.10 6.04 11.89
C3 PLP D . 10.19 4.19 12.32
O3 PLP D . 10.76 3.94 13.51
C4 PLP D . 9.07 3.55 11.78
C4A PLP D . 8.36 2.55 12.56
C5 PLP D . 8.64 3.96 10.38
C6 PLP D . 9.33 4.93 9.66
C5A PLP D . 7.37 3.38 9.85
O4P PLP D . 7.52 2.86 8.60
P PLP D . 6.24 2.10 7.89
O1P PLP D . 6.82 1.87 6.49
O2P PLP D . 5.15 3.25 7.80
O3P PLP D . 6.07 0.94 8.93
#